data_5T7B
#
_entry.id   5T7B
#
_cell.length_a   63.207
_cell.length_b   108.306
_cell.length_c   68.821
_cell.angle_alpha   90.00
_cell.angle_beta   106.62
_cell.angle_gamma   90.00
#
_symmetry.space_group_name_H-M   'P 1 21 1'
#
loop_
_entity.id
_entity.type
_entity.pdbx_description
1 polymer 'RNA (UVP)UAUAGAGCAAGAACACUGUU'
2 polymer 'Protein argonaute-2'
3 non-polymer PHENOL
4 water water
#
loop_
_entity_poly.entity_id
_entity_poly.type
_entity_poly.pdbx_seq_one_letter_code
_entity_poly.pdbx_strand_id
1 'polyribonucleotide' (UVP)UAUAGAGCAAGAACACUGUU R
2 'polypeptide(L)'
;GAMYSGAGPALAPPAPPPPIQGYAFKPPPRPDFGTSGRTIKLQANFFEMDIPKIDIYHYELDIKPEKCPRRVNREIVEHM
VQHFKTQIFGDRKPVFDGRKNLYTAMPLPIGRDKVELEVTLPGEGKDRIFKVSIKWVSCVSLQALHDALSGRLPSVPFET
IQALDVVMRHLPSMRYTPVGRSFFTASEGCSNPLGGGREVWFGFHQSVRPSLWKMMLNIDVSATAFYKAQPVIEFVCEVL
DFKSIEEQQKPLTDSQRVKFTKEIKGLKVEITHCGQMKRKYRVCNVTRRPASHQTFPLQQESGQTVECTVAQYFKDRHKL
VLRYPHLPCLQVGQEQKHTYLPLEVCNIVAGQRCIKKLTDNQTSTMIRATARSAPDRQEEISKLMRSASFNTDPYVREFG
IMVKDEMTDVTGRVLQPPSILYGGRNKAIATPVQGVWDMRNKQFHTGIEIKVWAIACFAPQRQCTEVHLKSFTEQLRKIS
RDAGMPIQGQPCFCKYAQGADSVEPMFRHLKNTYAGLQLVVVILPGKTPVYAEVKRVGDTVLGMATQCVQMKNVQRTTPQ
TLSNLCLKINVKLGGVNNILLPQGRPPVFQQPVIFLGANVTHPPAGDGKKPSIAAVVGSMDAHPNRYCATVRVQQHRQEI
IQDLAAMVRELLIQFYKSTRFKPTRIIFYRNGVSEGQFQQVLHHELLAIREACIKLEKDYQPGITFIVVQKRHHTRLFCT
DKNERVGKSGNIPAGTTVDTKITHPTEFDFYLCSHAGIQGTSRPSHYHVLWDDNRFSSDELQILTYQLCHTYVRCTRSVS
IPAPAYYAHLVAFRARYHLVDKEHDSAEGSHTSGQSNGRDHQALAKAVQVHQDTLRTMYFA
;
A
#
# COMPACT_ATOMS: atom_id res chain seq x y z
N PHE B 25 19.20 19.49 3.22
CA PHE B 25 17.97 18.82 2.88
C PHE B 25 18.01 18.30 1.45
N LYS B 26 19.20 18.26 0.87
CA LYS B 26 19.37 17.66 -0.44
C LYS B 26 19.87 16.23 -0.28
N PRO B 27 19.27 15.26 -0.96
CA PRO B 27 19.73 13.88 -0.83
C PRO B 27 21.20 13.77 -1.18
N PRO B 28 21.94 12.92 -0.47
CA PRO B 28 23.37 12.74 -0.76
C PRO B 28 23.57 12.08 -2.11
N PRO B 29 24.75 12.25 -2.70
CA PRO B 29 25.06 11.51 -3.93
C PRO B 29 25.40 10.06 -3.63
N ARG B 30 25.38 9.25 -4.68
CA ARG B 30 25.80 7.86 -4.55
C ARG B 30 27.27 7.84 -4.14
N PRO B 31 27.61 7.22 -3.01
CA PRO B 31 29.01 7.22 -2.56
C PRO B 31 29.88 6.29 -3.37
N ASP B 32 29.29 5.20 -3.87
CA ASP B 32 30.02 4.24 -4.69
C ASP B 32 29.07 3.17 -5.21
N PHE B 33 29.60 2.19 -5.92
CA PHE B 33 28.81 1.04 -6.36
C PHE B 33 29.25 -0.20 -5.59
N GLY B 34 28.26 -0.96 -5.11
CA GLY B 34 28.56 -2.16 -4.37
C GLY B 34 29.29 -3.18 -5.23
N THR B 35 30.08 -4.02 -4.55
CA THR B 35 30.78 -5.13 -5.20
C THR B 35 30.56 -6.47 -4.52
N SER B 36 29.89 -6.52 -3.37
CA SER B 36 29.65 -7.79 -2.70
C SER B 36 28.65 -8.62 -3.49
N GLY B 37 28.87 -9.92 -3.51
CA GLY B 37 27.88 -10.87 -4.00
C GLY B 37 28.27 -11.49 -5.33
N ARG B 38 27.52 -12.52 -5.68
CA ARG B 38 27.71 -13.28 -6.90
C ARG B 38 26.92 -12.61 -8.03
N THR B 39 27.61 -12.26 -9.12
CA THR B 39 26.95 -11.57 -10.22
C THR B 39 25.90 -12.47 -10.87
N ILE B 40 24.80 -11.86 -11.30
CA ILE B 40 23.67 -12.57 -11.89
C ILE B 40 23.12 -11.71 -13.01
N LYS B 41 22.88 -12.32 -14.18
CA LYS B 41 22.35 -11.59 -15.32
C LYS B 41 20.85 -11.43 -15.21
N LEU B 42 20.37 -10.21 -15.46
CA LEU B 42 18.99 -9.85 -15.23
C LEU B 42 18.46 -8.99 -16.38
N GLN B 43 17.13 -8.95 -16.49
CA GLN B 43 16.43 -8.03 -17.34
C GLN B 43 15.37 -7.31 -16.51
N ALA B 44 15.24 -6.00 -16.74
CA ALA B 44 14.25 -5.18 -16.05
C ALA B 44 13.23 -4.65 -17.05
N ASN B 45 12.01 -4.42 -16.57
CA ASN B 45 10.96 -3.88 -17.44
C ASN B 45 11.19 -2.39 -17.64
N PHE B 46 12.43 -2.05 -18.01
CA PHE B 46 12.84 -0.70 -18.34
C PHE B 46 13.37 -0.72 -19.77
N PHE B 47 12.81 0.13 -20.63
CA PHE B 47 13.17 0.18 -22.03
C PHE B 47 13.86 1.50 -22.36
N GLU B 48 15.07 1.41 -22.91
CA GLU B 48 15.84 2.61 -23.22
C GLU B 48 15.08 3.53 -24.16
N MET B 49 15.18 4.83 -23.92
CA MET B 49 14.60 5.85 -24.77
C MET B 49 15.71 6.64 -25.44
N ASP B 50 15.67 6.74 -26.77
CA ASP B 50 16.54 7.63 -27.51
C ASP B 50 15.82 8.96 -27.67
N ILE B 51 16.31 9.98 -26.97
CA ILE B 51 15.67 11.28 -26.92
C ILE B 51 16.39 12.21 -27.88
N PRO B 52 15.69 12.91 -28.79
CA PRO B 52 16.37 13.89 -29.63
C PRO B 52 16.94 15.02 -28.80
N LYS B 53 17.63 15.95 -29.44
CA LYS B 53 18.25 17.07 -28.73
C LYS B 53 17.42 18.35 -28.80
N ILE B 54 16.29 18.32 -29.51
CA ILE B 54 15.48 19.49 -29.80
C ILE B 54 15.04 20.21 -28.53
N ASP B 55 14.41 21.37 -28.69
CA ASP B 55 13.68 22.04 -27.62
C ASP B 55 12.19 21.77 -27.80
N ILE B 56 11.51 21.50 -26.69
CA ILE B 56 10.06 21.39 -26.69
C ILE B 56 9.47 22.74 -26.32
N TYR B 57 8.42 23.14 -27.01
CA TYR B 57 7.75 24.40 -26.75
C TYR B 57 6.49 24.16 -25.95
N HIS B 58 6.34 24.90 -24.86
CA HIS B 58 5.32 24.64 -23.84
C HIS B 58 4.29 25.77 -23.88
N TYR B 59 3.02 25.40 -24.10
CA TYR B 59 1.92 26.35 -24.16
C TYR B 59 0.90 26.04 -23.08
N GLU B 60 0.31 27.09 -22.52
CA GLU B 60 -0.70 26.97 -21.48
C GLU B 60 -2.08 27.14 -22.08
N LEU B 61 -2.99 26.23 -21.76
CA LEU B 61 -4.37 26.28 -22.22
C LEU B 61 -5.27 26.78 -21.09
N ASP B 62 -6.09 27.78 -21.38
CA ASP B 62 -7.12 28.25 -20.45
C ASP B 62 -8.48 28.00 -21.10
N ILE B 63 -9.20 27.01 -20.59
CA ILE B 63 -10.45 26.55 -21.15
C ILE B 63 -11.59 26.99 -20.24
N LYS B 64 -12.58 27.66 -20.81
CA LYS B 64 -13.78 28.05 -20.06
C LYS B 64 -14.99 27.30 -20.60
N PRO B 65 -15.76 26.68 -19.69
CA PRO B 65 -15.53 26.65 -18.24
C PRO B 65 -14.42 25.70 -17.81
N GLU B 66 -13.86 25.94 -16.63
CA GLU B 66 -12.80 25.10 -16.09
C GLU B 66 -13.40 23.90 -15.34
N LYS B 67 -12.51 22.99 -14.96
CA LYS B 67 -12.87 21.80 -14.18
C LYS B 67 -13.88 20.91 -14.92
N CYS B 68 -13.82 20.92 -16.24
CA CYS B 68 -14.40 19.82 -16.99
C CYS B 68 -13.53 18.58 -16.78
N PRO B 69 -14.07 17.39 -17.04
CA PRO B 69 -13.23 16.19 -16.94
C PRO B 69 -12.06 16.26 -17.91
N ARG B 70 -10.96 15.59 -17.53
CA ARG B 70 -9.77 15.63 -18.40
C ARG B 70 -10.09 15.12 -19.79
N ARG B 71 -10.99 14.14 -19.90
CA ARG B 71 -11.37 13.62 -21.21
C ARG B 71 -11.95 14.70 -22.10
N VAL B 72 -12.94 15.45 -21.58
CA VAL B 72 -13.57 16.49 -22.39
C VAL B 72 -12.53 17.55 -22.78
N ASN B 73 -11.66 17.92 -21.84
CA ASN B 73 -10.55 18.80 -22.18
C ASN B 73 -9.79 18.26 -23.40
N ARG B 74 -9.57 16.95 -23.44
CA ARG B 74 -8.89 16.34 -24.58
C ARG B 74 -9.72 16.47 -25.85
N GLU B 75 -11.03 16.20 -25.75
CA GLU B 75 -11.89 16.35 -26.92
C GLU B 75 -11.97 17.81 -27.35
N ILE B 76 -12.04 18.74 -26.40
CA ILE B 76 -11.97 20.16 -26.74
C ILE B 76 -10.67 20.46 -27.47
N VAL B 77 -9.55 20.03 -26.89
CA VAL B 77 -8.26 20.23 -27.54
C VAL B 77 -8.21 19.51 -28.87
N GLU B 78 -8.86 18.34 -28.96
CA GLU B 78 -8.83 17.55 -30.18
C GLU B 78 -9.44 18.33 -31.35
N HIS B 79 -10.68 18.81 -31.20
CA HIS B 79 -11.33 19.54 -32.27
C HIS B 79 -10.58 20.83 -32.60
N MET B 80 -10.06 21.51 -31.57
CA MET B 80 -9.35 22.76 -31.80
C MET B 80 -8.18 22.60 -32.75
N VAL B 81 -7.53 21.42 -32.73
CA VAL B 81 -6.32 21.24 -33.52
C VAL B 81 -6.62 21.20 -35.01
N GLN B 82 -7.82 20.75 -35.38
CA GLN B 82 -8.17 20.66 -36.80
C GLN B 82 -8.66 22.00 -37.34
N HIS B 83 -9.53 22.69 -36.60
CA HIS B 83 -10.01 24.00 -37.03
C HIS B 83 -8.84 24.92 -37.37
N PHE B 84 -7.93 25.10 -36.42
CA PHE B 84 -6.83 26.03 -36.56
C PHE B 84 -5.56 25.35 -37.04
N LYS B 85 -5.64 24.08 -37.46
CA LYS B 85 -4.61 23.54 -38.34
C LYS B 85 -4.46 24.42 -39.57
N THR B 86 -5.56 25.03 -40.01
CA THR B 86 -5.50 25.98 -41.12
C THR B 86 -4.86 27.29 -40.68
N GLN B 87 -5.17 27.75 -39.46
CA GLN B 87 -4.72 29.04 -38.96
C GLN B 87 -3.53 28.94 -38.02
N ILE B 88 -3.55 28.03 -37.05
CA ILE B 88 -2.63 28.03 -35.92
C ILE B 88 -1.66 26.84 -35.97
N PHE B 89 -2.20 25.63 -36.01
CA PHE B 89 -1.37 24.47 -35.70
C PHE B 89 -0.68 23.87 -36.92
N GLY B 90 -1.39 23.74 -38.04
CA GLY B 90 -0.80 23.17 -39.23
C GLY B 90 -0.64 21.67 -39.18
N ASP B 91 0.48 21.16 -39.68
CA ASP B 91 0.74 19.73 -39.72
C ASP B 91 1.30 19.18 -38.41
N ARG B 92 1.61 20.04 -37.45
CA ARG B 92 2.16 19.59 -36.18
C ARG B 92 1.14 18.76 -35.42
N LYS B 93 1.63 17.75 -34.70
CA LYS B 93 0.78 16.90 -33.87
C LYS B 93 1.09 17.20 -32.42
N PRO B 94 0.42 18.18 -31.81
CA PRO B 94 0.70 18.50 -30.41
C PRO B 94 0.21 17.42 -29.47
N VAL B 95 0.79 17.41 -28.28
CA VAL B 95 0.39 16.50 -27.21
C VAL B 95 -0.17 17.31 -26.05
N PHE B 96 -1.14 16.74 -25.36
CA PHE B 96 -1.93 17.43 -24.35
C PHE B 96 -2.04 16.55 -23.12
N ASP B 97 -1.77 17.13 -21.94
CA ASP B 97 -1.81 16.42 -20.68
C ASP B 97 -3.17 16.49 -20.01
N GLY B 98 -4.22 16.75 -20.76
CA GLY B 98 -5.45 17.18 -20.15
C GLY B 98 -5.17 18.45 -19.41
N ARG B 99 -6.15 18.87 -18.62
CA ARG B 99 -5.95 20.05 -17.77
C ARG B 99 -5.52 21.24 -18.62
N LYS B 100 -4.25 21.65 -18.53
CA LYS B 100 -3.87 22.97 -19.07
C LYS B 100 -2.53 23.06 -19.80
N ASN B 101 -1.86 21.94 -20.12
CA ASN B 101 -0.54 22.02 -20.73
C ASN B 101 -0.51 21.33 -22.09
N LEU B 102 -0.10 22.07 -23.12
CA LEU B 102 0.01 21.58 -24.48
C LEU B 102 1.44 21.78 -24.97
N TYR B 103 2.01 20.74 -25.58
CA TYR B 103 3.40 20.76 -26.04
C TYR B 103 3.46 20.56 -27.55
N THR B 104 4.49 21.15 -28.16
CA THR B 104 4.74 20.98 -29.58
C THR B 104 6.21 20.72 -29.82
N ALA B 105 6.51 19.89 -30.83
CA ALA B 105 7.87 19.72 -31.27
C ALA B 105 8.35 20.90 -32.12
N MET B 106 7.42 21.70 -32.64
CA MET B 106 7.71 22.86 -33.47
C MET B 106 6.98 24.07 -32.91
N PRO B 107 7.64 25.23 -32.78
CA PRO B 107 6.96 26.41 -32.27
C PRO B 107 5.72 26.74 -33.10
N LEU B 108 4.68 27.21 -32.43
CA LEU B 108 3.43 27.54 -33.09
C LEU B 108 3.48 28.95 -33.68
N PRO B 109 2.80 29.19 -34.80
CA PRO B 109 2.77 30.54 -35.38
C PRO B 109 2.04 31.50 -34.47
N ILE B 110 2.51 31.61 -33.23
CA ILE B 110 1.94 32.46 -32.21
C ILE B 110 3.05 33.32 -31.64
N GLY B 111 2.96 34.63 -31.80
CA GLY B 111 3.77 35.49 -30.99
C GLY B 111 3.60 35.14 -29.53
N ARG B 112 4.55 35.58 -28.72
CA ARG B 112 4.42 35.41 -27.27
C ARG B 112 3.05 35.83 -26.76
N ASP B 113 2.36 36.68 -27.51
CA ASP B 113 1.05 37.18 -27.13
C ASP B 113 0.00 36.08 -27.16
N LYS B 114 -1.03 36.24 -26.34
CA LYS B 114 -2.06 35.24 -26.18
C LYS B 114 -3.06 35.27 -27.34
N VAL B 115 -3.63 34.11 -27.65
CA VAL B 115 -4.66 33.96 -28.66
C VAL B 115 -5.89 33.34 -28.01
N GLU B 116 -7.00 34.06 -28.06
CA GLU B 116 -8.27 33.56 -27.56
C GLU B 116 -9.09 33.05 -28.74
N LEU B 117 -9.58 31.82 -28.65
CA LEU B 117 -10.35 31.24 -29.74
C LEU B 117 -11.52 30.44 -29.18
N GLU B 118 -12.36 29.97 -30.09
CA GLU B 118 -13.65 29.37 -29.77
C GLU B 118 -13.70 27.95 -30.34
N VAL B 119 -14.03 26.99 -29.47
CA VAL B 119 -14.19 25.60 -29.86
C VAL B 119 -15.61 25.17 -29.50
N THR B 120 -16.34 24.68 -30.48
CA THR B 120 -17.70 24.18 -30.28
C THR B 120 -17.72 22.67 -30.50
N LEU B 121 -18.30 21.95 -29.55
CA LEU B 121 -18.47 20.51 -29.67
C LEU B 121 -19.90 20.14 -29.30
N PRO B 122 -20.50 19.16 -30.00
CA PRO B 122 -21.87 18.71 -29.76
C PRO B 122 -22.14 18.39 -28.28
N ILE B 129 -20.11 24.96 -26.43
CA ILE B 129 -19.34 26.15 -26.74
C ILE B 129 -18.25 26.36 -25.69
N PHE B 130 -17.00 26.41 -26.15
CA PHE B 130 -15.84 26.56 -25.27
C PHE B 130 -14.92 27.64 -25.80
N LYS B 131 -14.46 28.51 -24.91
CA LYS B 131 -13.48 29.54 -25.23
C LYS B 131 -12.12 29.11 -24.70
N VAL B 132 -11.12 29.13 -25.58
CA VAL B 132 -9.79 28.61 -25.26
C VAL B 132 -8.76 29.66 -25.64
N SER B 133 -7.85 29.96 -24.71
CA SER B 133 -6.77 30.90 -24.95
C SER B 133 -5.43 30.18 -24.87
N ILE B 134 -4.61 30.35 -25.90
CA ILE B 134 -3.29 29.74 -26.00
C ILE B 134 -2.23 30.79 -25.74
N LYS B 135 -1.31 30.49 -24.83
CA LYS B 135 -0.18 31.36 -24.59
C LYS B 135 1.09 30.53 -24.40
N TRP B 136 2.18 30.99 -25.00
CA TRP B 136 3.48 30.38 -24.78
C TRP B 136 3.87 30.52 -23.31
N VAL B 137 4.53 29.49 -22.78
CA VAL B 137 5.00 29.49 -21.41
C VAL B 137 6.51 29.31 -21.31
N SER B 138 7.07 28.39 -22.08
CA SER B 138 8.50 28.10 -21.95
C SER B 138 8.92 27.10 -23.01
N CYS B 139 10.23 27.00 -23.21
CA CYS B 139 10.84 25.93 -23.99
C CYS B 139 11.45 24.91 -23.03
N VAL B 140 11.34 23.65 -23.39
CA VAL B 140 11.92 22.56 -22.62
C VAL B 140 13.17 22.09 -23.34
N SER B 141 14.32 22.24 -22.69
CA SER B 141 15.61 21.90 -23.29
C SER B 141 15.90 20.43 -23.03
N LEU B 142 15.71 19.59 -24.05
CA LEU B 142 16.04 18.18 -23.92
C LEU B 142 17.54 17.98 -23.71
N GLN B 143 18.37 18.87 -24.26
CA GLN B 143 19.81 18.78 -24.01
C GLN B 143 20.11 18.96 -22.52
N ALA B 144 19.40 19.88 -21.86
CA ALA B 144 19.55 20.04 -20.42
C ALA B 144 19.26 18.73 -19.69
N LEU B 145 18.32 17.94 -20.21
CA LEU B 145 18.08 16.61 -19.65
C LEU B 145 19.27 15.70 -19.93
N HIS B 146 19.75 15.67 -21.18
CA HIS B 146 20.96 14.92 -21.50
C HIS B 146 22.08 15.24 -20.51
N ASP B 147 22.31 16.53 -20.27
CA ASP B 147 23.39 16.95 -19.38
C ASP B 147 23.15 16.47 -17.95
N ALA B 148 21.90 16.54 -17.48
CA ALA B 148 21.60 16.11 -16.12
C ALA B 148 21.70 14.60 -15.98
N LEU B 149 21.43 13.85 -17.04
CA LEU B 149 21.59 12.40 -16.99
C LEU B 149 23.05 11.99 -16.92
N SER B 150 23.93 12.80 -17.51
CA SER B 150 25.36 12.64 -17.27
C SER B 150 25.76 12.91 -15.83
N GLY B 151 24.83 13.32 -14.97
CA GLY B 151 25.15 13.65 -13.61
C GLY B 151 25.78 15.01 -13.42
N ARG B 152 26.06 15.74 -14.51
CA ARG B 152 26.72 17.03 -14.40
C ARG B 152 25.88 18.04 -13.63
N LEU B 153 24.61 18.19 -14.03
CA LEU B 153 23.72 19.05 -13.28
C LEU B 153 23.37 18.40 -11.95
N PRO B 154 23.12 19.22 -10.91
CA PRO B 154 22.87 18.63 -9.59
C PRO B 154 21.59 17.82 -9.53
N SER B 155 20.54 18.27 -10.23
CA SER B 155 19.24 17.61 -10.19
C SER B 155 18.67 17.55 -11.60
N VAL B 156 18.03 16.43 -11.92
CA VAL B 156 17.38 16.29 -13.22
C VAL B 156 16.24 17.29 -13.31
N PRO B 157 16.07 18.02 -14.42
CA PRO B 157 14.94 18.96 -14.53
C PRO B 157 13.62 18.21 -14.53
N PHE B 158 12.77 18.52 -13.56
CA PHE B 158 11.49 17.84 -13.45
C PHE B 158 10.56 18.20 -14.61
N GLU B 159 10.65 19.44 -15.10
CA GLU B 159 9.74 19.87 -16.16
C GLU B 159 10.00 19.14 -17.47
N THR B 160 11.26 18.80 -17.76
CA THR B 160 11.56 18.03 -18.96
C THR B 160 10.98 16.63 -18.86
N ILE B 161 11.05 16.02 -17.68
CA ILE B 161 10.51 14.67 -17.51
C ILE B 161 8.99 14.68 -17.64
N GLN B 162 8.34 15.71 -17.10
CA GLN B 162 6.90 15.85 -17.30
C GLN B 162 6.55 15.92 -18.78
N ALA B 163 7.29 16.74 -19.54
CA ALA B 163 7.01 16.89 -20.97
C ALA B 163 7.12 15.55 -21.70
N LEU B 164 8.18 14.79 -21.41
CA LEU B 164 8.32 13.48 -22.04
C LEU B 164 7.17 12.56 -21.67
N ASP B 165 6.72 12.61 -20.41
CA ASP B 165 5.62 11.76 -19.99
C ASP B 165 4.35 12.11 -20.75
N VAL B 166 4.13 13.40 -21.00
CA VAL B 166 2.94 13.79 -21.75
C VAL B 166 3.03 13.31 -23.19
N VAL B 167 4.23 13.26 -23.76
CA VAL B 167 4.37 12.79 -25.14
C VAL B 167 4.05 11.31 -25.20
N MET B 168 4.58 10.52 -24.27
CA MET B 168 4.48 9.06 -24.38
C MET B 168 3.08 8.54 -24.10
N ARG B 169 2.26 9.28 -23.36
CA ARG B 169 0.95 8.77 -22.99
C ARG B 169 -0.19 9.54 -23.64
N HIS B 170 0.12 10.42 -24.61
CA HIS B 170 -0.95 11.16 -25.27
C HIS B 170 -1.86 10.22 -26.05
N LEU B 171 -1.29 9.35 -26.88
CA LEU B 171 -2.12 8.41 -27.63
C LEU B 171 -2.81 7.42 -26.70
N PRO B 172 -2.14 6.81 -25.73
CA PRO B 172 -2.87 5.92 -24.81
C PRO B 172 -4.03 6.61 -24.10
N SER B 173 -3.86 7.89 -23.73
CA SER B 173 -4.94 8.60 -23.04
C SER B 173 -6.18 8.72 -23.92
N MET B 174 -5.98 8.94 -25.21
CA MET B 174 -7.11 9.01 -26.13
C MET B 174 -7.69 7.63 -26.40
N ARG B 175 -6.87 6.58 -26.30
CA ARG B 175 -7.24 5.24 -26.74
C ARG B 175 -7.80 4.35 -25.63
N TYR B 176 -7.54 4.68 -24.36
CA TYR B 176 -7.99 3.85 -23.26
C TYR B 176 -8.48 4.74 -22.14
N THR B 177 -8.94 4.11 -21.07
CA THR B 177 -9.38 4.82 -19.88
C THR B 177 -8.20 4.95 -18.91
N PRO B 178 -7.52 6.10 -18.88
CA PRO B 178 -6.40 6.26 -17.96
C PRO B 178 -6.84 6.25 -16.51
N VAL B 179 -5.99 5.65 -15.66
CA VAL B 179 -6.20 5.58 -14.21
C VAL B 179 -4.84 5.75 -13.56
N GLY B 180 -4.65 6.85 -12.85
CA GLY B 180 -3.31 7.19 -12.40
C GLY B 180 -2.36 7.15 -13.58
N ARG B 181 -1.19 6.54 -13.38
CA ARG B 181 -0.25 6.34 -14.47
C ARG B 181 -0.50 5.05 -15.24
N SER B 182 -1.71 4.49 -15.15
CA SER B 182 -2.05 3.24 -15.81
C SER B 182 -3.18 3.44 -16.81
N PHE B 183 -3.35 2.47 -17.70
CA PHE B 183 -4.41 2.51 -18.71
C PHE B 183 -5.15 1.19 -18.69
N PHE B 184 -6.47 1.27 -18.84
CA PHE B 184 -7.32 0.08 -18.85
C PHE B 184 -8.34 0.20 -19.97
N THR B 185 -8.98 -0.93 -20.28
CA THR B 185 -9.97 -0.98 -21.35
C THR B 185 -10.92 -2.14 -21.07
N ALA B 186 -11.76 -2.46 -22.05
CA ALA B 186 -12.77 -3.51 -21.94
C ALA B 186 -12.27 -4.78 -22.64
N SER B 187 -12.35 -5.90 -21.94
CA SER B 187 -11.92 -7.18 -22.49
C SER B 187 -13.00 -7.80 -23.36
N SER B 191 -15.99 -11.69 -18.93
CA SER B 191 -16.19 -11.09 -17.62
C SER B 191 -15.21 -11.63 -16.59
N ASN B 192 -14.68 -10.74 -15.75
CA ASN B 192 -13.77 -11.10 -14.67
C ASN B 192 -14.42 -10.68 -13.35
N PRO B 193 -15.52 -11.32 -12.98
CA PRO B 193 -16.28 -10.85 -11.81
C PRO B 193 -15.57 -11.14 -10.51
N LEU B 194 -15.90 -10.34 -9.50
CA LEU B 194 -15.48 -10.59 -8.14
C LEU B 194 -16.67 -10.76 -7.20
N GLY B 195 -17.89 -10.58 -7.69
CA GLY B 195 -19.06 -10.53 -6.85
C GLY B 195 -19.30 -9.12 -6.32
N GLY B 196 -20.46 -8.96 -5.69
CA GLY B 196 -20.81 -7.68 -5.11
C GLY B 196 -20.73 -6.52 -6.06
N GLY B 197 -20.84 -6.76 -7.36
CA GLY B 197 -20.86 -5.71 -8.37
C GLY B 197 -19.51 -5.31 -8.92
N ARG B 198 -18.43 -5.92 -8.47
CA ARG B 198 -17.09 -5.48 -8.85
C ARG B 198 -16.47 -6.44 -9.86
N GLU B 199 -15.59 -5.88 -10.70
CA GLU B 199 -14.84 -6.61 -11.71
C GLU B 199 -13.37 -6.26 -11.59
N VAL B 200 -12.51 -7.17 -12.03
CA VAL B 200 -11.09 -6.91 -12.13
C VAL B 200 -10.75 -6.65 -13.59
N TRP B 201 -10.13 -5.50 -13.86
CA TRP B 201 -9.75 -5.12 -15.22
C TRP B 201 -8.24 -5.22 -15.38
N PHE B 202 -7.82 -5.63 -16.57
CA PHE B 202 -6.40 -5.75 -16.89
C PHE B 202 -5.99 -4.57 -17.76
N GLY B 203 -4.85 -4.00 -17.42
CA GLY B 203 -4.32 -2.85 -18.15
C GLY B 203 -2.83 -2.85 -18.04
N PHE B 204 -2.24 -1.66 -18.09
CA PHE B 204 -0.79 -1.57 -17.99
C PHE B 204 -0.41 -0.25 -17.36
N HIS B 205 0.75 -0.25 -16.70
CA HIS B 205 1.36 0.95 -16.15
C HIS B 205 2.41 1.47 -17.13
N GLN B 206 2.54 2.79 -17.19
CA GLN B 206 3.52 3.44 -18.06
C GLN B 206 4.07 4.66 -17.33
N SER B 207 5.38 4.84 -17.39
CA SER B 207 6.00 6.02 -16.82
C SER B 207 7.39 6.19 -17.41
N VAL B 208 7.83 7.43 -17.48
CA VAL B 208 9.16 7.79 -17.97
C VAL B 208 10.04 8.04 -16.75
N ARG B 209 11.26 7.51 -16.77
CA ARG B 209 12.09 7.58 -15.57
C ARG B 209 13.55 7.81 -15.92
N PRO B 210 14.26 8.62 -15.15
CA PRO B 210 15.68 8.86 -15.41
C PRO B 210 16.57 7.82 -14.75
N SER B 211 17.69 7.55 -15.42
CA SER B 211 18.75 6.69 -14.90
C SER B 211 20.06 7.26 -15.39
N LEU B 212 21.15 6.54 -15.10
CA LEU B 212 22.45 7.00 -15.56
C LEU B 212 22.53 6.92 -17.08
N TRP B 213 22.77 8.06 -17.72
CA TRP B 213 23.06 8.20 -19.15
C TRP B 213 21.85 7.94 -20.04
N LYS B 214 20.67 7.64 -19.50
CA LYS B 214 19.54 7.24 -20.32
C LYS B 214 18.23 7.59 -19.64
N MET B 215 17.25 7.98 -20.46
CA MET B 215 15.85 7.97 -20.05
C MET B 215 15.27 6.60 -20.31
N MET B 216 14.39 6.15 -19.43
CA MET B 216 13.81 4.82 -19.51
C MET B 216 12.28 4.91 -19.54
N LEU B 217 11.67 4.05 -20.34
CA LEU B 217 10.23 3.81 -20.29
C LEU B 217 9.99 2.58 -19.43
N ASN B 218 9.23 2.75 -18.36
CA ASN B 218 8.89 1.65 -17.45
C ASN B 218 7.48 1.18 -17.77
N ILE B 219 7.35 -0.08 -18.16
CA ILE B 219 6.08 -0.66 -18.57
C ILE B 219 5.79 -1.89 -17.73
N ASP B 220 4.54 -2.05 -17.32
CA ASP B 220 4.17 -3.21 -16.53
C ASP B 220 2.69 -3.49 -16.74
N VAL B 221 2.33 -4.76 -16.57
CA VAL B 221 0.92 -5.16 -16.54
C VAL B 221 0.36 -4.83 -15.17
N SER B 222 -0.81 -4.21 -15.14
CA SER B 222 -1.52 -3.94 -13.90
C SER B 222 -2.93 -4.49 -14.00
N ALA B 223 -3.57 -4.60 -12.85
CA ALA B 223 -4.93 -5.11 -12.77
C ALA B 223 -5.57 -4.51 -11.53
N THR B 224 -6.70 -3.86 -11.70
CA THR B 224 -7.38 -3.22 -10.59
C THR B 224 -8.87 -3.54 -10.63
N ALA B 225 -9.54 -3.27 -9.52
CA ALA B 225 -10.96 -3.57 -9.37
C ALA B 225 -11.80 -2.38 -9.83
N PHE B 226 -12.80 -2.66 -10.65
CA PHE B 226 -13.77 -1.68 -11.09
C PHE B 226 -15.17 -2.15 -10.73
N TYR B 227 -16.12 -1.22 -10.76
CA TYR B 227 -17.52 -1.56 -10.62
C TYR B 227 -18.10 -1.87 -11.98
N LYS B 228 -18.73 -3.03 -12.11
CA LYS B 228 -19.42 -3.34 -13.35
C LYS B 228 -20.46 -2.27 -13.66
N ALA B 229 -20.45 -1.78 -14.89
CA ALA B 229 -21.51 -0.89 -15.34
C ALA B 229 -22.77 -1.70 -15.57
N GLN B 230 -23.87 -1.28 -14.96
CA GLN B 230 -25.11 -2.04 -14.97
C GLN B 230 -26.20 -1.19 -14.34
N PRO B 231 -27.46 -1.50 -14.62
CA PRO B 231 -28.55 -0.83 -13.90
C PRO B 231 -28.37 -0.97 -12.39
N VAL B 232 -28.75 0.09 -11.67
CA VAL B 232 -28.61 0.08 -10.21
C VAL B 232 -29.46 -1.02 -9.59
N ILE B 233 -30.63 -1.28 -10.18
CA ILE B 233 -31.49 -2.37 -9.69
C ILE B 233 -30.72 -3.68 -9.65
N GLU B 234 -29.92 -3.95 -10.68
CA GLU B 234 -29.09 -5.14 -10.66
C GLU B 234 -27.94 -5.01 -9.66
N PHE B 235 -27.54 -3.78 -9.34
CA PHE B 235 -26.45 -3.59 -8.39
C PHE B 235 -26.87 -4.00 -6.98
N VAL B 236 -28.09 -3.64 -6.57
CA VAL B 236 -28.56 -4.01 -5.24
C VAL B 236 -28.62 -5.53 -5.09
N CYS B 237 -29.04 -6.22 -6.15
CA CYS B 237 -29.09 -7.69 -6.11
C CYS B 237 -27.71 -8.26 -5.77
N GLU B 238 -26.68 -7.83 -6.49
CA GLU B 238 -25.35 -8.36 -6.25
C GLU B 238 -24.80 -7.92 -4.89
N VAL B 239 -25.18 -6.73 -4.43
CA VAL B 239 -24.67 -6.24 -3.15
C VAL B 239 -25.38 -6.92 -1.99
N LEU B 240 -26.64 -7.32 -2.17
CA LEU B 240 -27.42 -7.90 -1.10
C LEU B 240 -27.76 -9.37 -1.35
N ASP B 241 -27.18 -9.98 -2.38
CA ASP B 241 -27.24 -11.42 -2.61
C ASP B 241 -28.60 -11.90 -3.11
N PHE B 242 -29.43 -11.01 -3.66
CA PHE B 242 -30.73 -11.42 -4.14
C PHE B 242 -30.61 -12.29 -5.38
N LYS B 243 -31.44 -13.34 -5.43
CA LYS B 243 -31.66 -14.05 -6.68
C LYS B 243 -32.03 -13.08 -7.79
N SER B 244 -33.19 -12.44 -7.65
CA SER B 244 -33.63 -11.35 -8.50
C SER B 244 -34.22 -10.27 -7.62
N ILE B 245 -34.76 -9.22 -8.26
CA ILE B 245 -35.15 -8.03 -7.52
C ILE B 245 -36.18 -8.31 -6.43
N GLU B 246 -36.89 -9.43 -6.51
CA GLU B 246 -37.92 -9.74 -5.54
C GLU B 246 -37.32 -10.33 -4.26
N LYS B 250 -41.07 -6.77 0.67
CA LYS B 250 -40.58 -6.06 -0.51
C LYS B 250 -39.58 -4.97 -0.15
N PRO B 251 -39.96 -4.06 0.76
CA PRO B 251 -39.07 -2.97 1.11
C PRO B 251 -37.76 -3.49 1.69
N LEU B 252 -36.77 -2.60 1.72
CA LEU B 252 -35.50 -2.92 2.36
C LEU B 252 -35.64 -2.77 3.86
N THR B 253 -35.04 -3.70 4.61
CA THR B 253 -34.89 -3.52 6.03
C THR B 253 -33.82 -2.46 6.29
N ASP B 254 -33.75 -1.99 7.54
CA ASP B 254 -32.65 -1.11 7.93
C ASP B 254 -31.30 -1.77 7.61
N SER B 255 -31.21 -3.08 7.79
CA SER B 255 -29.99 -3.80 7.47
C SER B 255 -29.65 -3.65 5.99
N GLN B 256 -30.55 -4.13 5.12
CA GLN B 256 -30.27 -4.09 3.68
C GLN B 256 -29.99 -2.68 3.20
N ARG B 257 -30.76 -1.69 3.68
CA ARG B 257 -30.64 -0.34 3.16
C ARG B 257 -29.32 0.31 3.55
N VAL B 258 -28.87 0.10 4.80
CA VAL B 258 -27.64 0.72 5.23
C VAL B 258 -26.42 0.04 4.59
N LYS B 259 -26.50 -1.25 4.29
CA LYS B 259 -25.41 -1.91 3.59
C LYS B 259 -25.31 -1.40 2.16
N PHE B 260 -26.43 -1.37 1.45
CA PHE B 260 -26.45 -0.85 0.08
C PHE B 260 -26.00 0.61 0.01
N THR B 261 -26.26 1.38 1.08
CA THR B 261 -25.83 2.77 1.09
C THR B 261 -24.31 2.87 1.07
N LYS B 262 -23.62 2.06 1.89
CA LYS B 262 -22.16 2.11 1.92
C LYS B 262 -21.56 1.69 0.58
N GLU B 263 -22.18 0.73 -0.09
CA GLU B 263 -21.62 0.24 -1.35
C GLU B 263 -21.70 1.31 -2.44
N ILE B 264 -22.81 2.04 -2.51
CA ILE B 264 -23.05 2.94 -3.63
C ILE B 264 -22.65 4.39 -3.34
N LYS B 265 -22.58 4.79 -2.07
CA LYS B 265 -22.24 6.17 -1.75
C LYS B 265 -20.93 6.57 -2.42
N GLY B 266 -20.93 7.74 -3.04
CA GLY B 266 -19.77 8.24 -3.76
C GLY B 266 -19.68 7.81 -5.20
N LEU B 267 -20.36 6.74 -5.59
CA LEU B 267 -20.34 6.28 -6.97
C LEU B 267 -21.17 7.19 -7.87
N LYS B 268 -20.83 7.18 -9.15
CA LYS B 268 -21.50 8.03 -10.13
C LYS B 268 -22.55 7.21 -10.87
N VAL B 269 -23.70 7.83 -11.12
CA VAL B 269 -24.80 7.18 -11.83
C VAL B 269 -25.15 8.02 -13.04
N GLU B 270 -25.77 7.37 -14.03
CA GLU B 270 -26.25 8.05 -15.22
C GLU B 270 -27.74 7.81 -15.36
N ILE B 271 -28.43 8.82 -15.90
CA ILE B 271 -29.88 8.83 -15.98
C ILE B 271 -30.31 8.24 -17.31
N THR B 272 -31.37 7.42 -17.28
CA THR B 272 -31.84 6.73 -18.48
C THR B 272 -33.23 7.15 -18.93
N HIS B 273 -34.05 7.74 -18.05
CA HIS B 273 -35.41 8.11 -18.40
C HIS B 273 -35.49 9.35 -19.28
N CYS B 274 -34.36 9.96 -19.62
CA CYS B 274 -34.34 11.10 -20.52
C CYS B 274 -33.87 10.68 -21.91
N LYS B 278 -27.65 9.32 -19.53
CA LYS B 278 -26.80 10.22 -20.30
C LYS B 278 -26.34 11.40 -19.45
N ARG B 279 -26.98 11.59 -18.30
CA ARG B 279 -26.64 12.66 -17.36
C ARG B 279 -26.08 12.02 -16.09
N LYS B 280 -24.81 12.31 -15.80
CA LYS B 280 -24.12 11.66 -14.69
C LYS B 280 -24.30 12.45 -13.40
N TYR B 281 -24.64 11.73 -12.33
CA TYR B 281 -24.72 12.29 -10.99
C TYR B 281 -23.82 11.50 -10.06
N ARG B 282 -23.48 12.10 -8.93
CA ARG B 282 -22.77 11.42 -7.87
C ARG B 282 -23.74 11.13 -6.74
N VAL B 283 -23.74 9.88 -6.26
CA VAL B 283 -24.66 9.47 -5.21
C VAL B 283 -24.11 9.94 -3.86
N CYS B 284 -24.85 10.84 -3.21
CA CYS B 284 -24.47 11.32 -1.88
C CYS B 284 -25.04 10.43 -0.77
N ASN B 285 -26.26 9.94 -0.95
CA ASN B 285 -26.91 9.14 0.10
C ASN B 285 -28.05 8.35 -0.53
N VAL B 286 -28.54 7.37 0.21
CA VAL B 286 -29.71 6.59 -0.16
C VAL B 286 -30.82 6.91 0.82
N THR B 287 -31.93 7.46 0.32
CA THR B 287 -32.99 7.92 1.20
C THR B 287 -33.50 6.78 2.07
N ARG B 288 -34.04 7.16 3.22
CA ARG B 288 -34.65 6.20 4.14
C ARG B 288 -36.05 5.80 3.67
N ARG B 289 -36.79 6.75 3.10
CA ARG B 289 -38.14 6.51 2.64
C ARG B 289 -38.15 5.88 1.25
N PRO B 290 -39.18 5.11 0.92
CA PRO B 290 -39.31 4.59 -0.44
C PRO B 290 -39.81 5.67 -1.40
N ALA B 291 -39.61 5.39 -2.68
CA ALA B 291 -39.99 6.36 -3.72
C ALA B 291 -41.46 6.72 -3.67
N SER B 292 -42.32 5.86 -3.11
CA SER B 292 -43.75 6.17 -3.04
C SER B 292 -44.07 7.20 -1.96
N HIS B 293 -43.18 7.38 -0.98
CA HIS B 293 -43.41 8.31 0.11
C HIS B 293 -42.35 9.38 0.27
N GLN B 294 -41.20 9.24 -0.37
CA GLN B 294 -40.19 10.28 -0.37
C GLN B 294 -40.71 11.53 -1.09
N THR B 295 -40.66 12.67 -0.43
CA THR B 295 -41.18 13.90 -0.99
C THR B 295 -40.08 14.93 -1.19
N PHE B 296 -40.38 15.93 -2.00
CA PHE B 296 -39.54 17.11 -2.19
C PHE B 296 -40.45 18.29 -2.45
N PRO B 297 -39.98 19.51 -2.23
CA PRO B 297 -40.83 20.70 -2.43
C PRO B 297 -40.83 21.14 -3.90
N LEU B 298 -42.01 21.19 -4.50
CA LEU B 298 -42.21 21.52 -5.90
C LEU B 298 -43.01 22.81 -6.01
N GLN B 299 -42.50 23.79 -6.74
CA GLN B 299 -43.20 25.05 -6.92
C GLN B 299 -44.16 24.95 -8.10
N GLN B 300 -45.43 25.30 -7.86
CA GLN B 300 -46.49 25.11 -8.84
C GLN B 300 -46.55 26.28 -9.82
N GLU B 301 -47.59 26.29 -10.66
CA GLU B 301 -47.83 27.41 -11.56
C GLU B 301 -47.97 28.71 -10.78
N SER B 302 -48.83 28.73 -9.76
CA SER B 302 -48.82 29.79 -8.77
C SER B 302 -47.50 29.76 -8.01
N GLY B 303 -47.27 30.70 -7.11
CA GLY B 303 -45.99 30.71 -6.41
C GLY B 303 -45.85 29.69 -5.30
N GLN B 304 -46.95 29.08 -4.86
CA GLN B 304 -46.90 28.21 -3.70
C GLN B 304 -46.15 26.92 -4.01
N THR B 305 -45.33 26.48 -3.05
CA THR B 305 -44.59 25.24 -3.15
C THR B 305 -45.35 24.12 -2.44
N VAL B 306 -45.30 22.93 -3.01
CA VAL B 306 -46.00 21.76 -2.47
C VAL B 306 -44.99 20.65 -2.27
N GLU B 307 -45.34 19.69 -1.40
CA GLU B 307 -44.57 18.46 -1.28
C GLU B 307 -45.13 17.45 -2.27
N CYS B 308 -44.25 16.90 -3.10
CA CYS B 308 -44.59 15.89 -4.09
C CYS B 308 -43.77 14.64 -3.80
N THR B 309 -44.39 13.47 -3.93
CA THR B 309 -43.61 12.25 -3.82
C THR B 309 -42.83 12.03 -5.11
N VAL B 310 -41.68 11.38 -4.98
CA VAL B 310 -40.86 11.05 -6.14
C VAL B 310 -41.66 10.20 -7.13
N ALA B 311 -42.42 9.24 -6.61
CA ALA B 311 -43.21 8.38 -7.50
C ALA B 311 -44.27 9.18 -8.24
N GLN B 312 -44.99 10.06 -7.52
CA GLN B 312 -46.01 10.87 -8.17
C GLN B 312 -45.41 11.79 -9.22
N TYR B 313 -44.25 12.39 -8.91
CA TYR B 313 -43.61 13.29 -9.87
C TYR B 313 -43.29 12.57 -11.17
N PHE B 314 -42.74 11.36 -11.09
CA PHE B 314 -42.41 10.61 -12.29
C PHE B 314 -43.65 10.15 -13.04
N LYS B 315 -44.80 10.10 -12.37
CA LYS B 315 -46.05 9.83 -13.08
C LYS B 315 -46.50 11.05 -13.88
N ASP B 316 -46.44 12.24 -13.27
CA ASP B 316 -46.94 13.45 -13.92
C ASP B 316 -45.95 14.04 -14.90
N ARG B 317 -44.67 14.14 -14.52
CA ARG B 317 -43.71 14.86 -15.35
C ARG B 317 -43.11 14.00 -16.45
N HIS B 318 -42.96 12.69 -16.20
CA HIS B 318 -42.31 11.80 -17.15
C HIS B 318 -43.22 10.67 -17.64
N LYS B 319 -44.48 10.62 -17.23
CA LYS B 319 -45.39 9.56 -17.63
C LYS B 319 -44.82 8.18 -17.34
N LEU B 320 -44.04 8.06 -16.26
CA LEU B 320 -43.43 6.79 -15.87
C LEU B 320 -44.02 6.34 -14.54
N VAL B 321 -44.66 5.18 -14.54
CA VAL B 321 -45.12 4.55 -13.31
C VAL B 321 -43.99 3.67 -12.79
N LEU B 322 -43.46 4.01 -11.62
CA LEU B 322 -42.30 3.30 -11.10
C LEU B 322 -42.63 1.83 -10.88
N ARG B 323 -41.76 0.96 -11.40
CA ARG B 323 -41.98 -0.48 -11.26
C ARG B 323 -41.67 -0.97 -9.86
N TYR B 324 -40.75 -0.31 -9.14
CA TYR B 324 -40.34 -0.70 -7.80
C TYR B 324 -40.53 0.47 -6.84
N PRO B 325 -41.77 0.88 -6.58
CA PRO B 325 -42.00 2.05 -5.72
C PRO B 325 -41.63 1.82 -4.26
N HIS B 326 -41.44 0.57 -3.83
CA HIS B 326 -41.09 0.29 -2.45
C HIS B 326 -39.60 0.49 -2.17
N LEU B 327 -38.77 0.50 -3.20
CA LEU B 327 -37.34 0.68 -3.02
C LEU B 327 -37.02 2.16 -2.79
N PRO B 328 -35.95 2.45 -2.06
CA PRO B 328 -35.60 3.85 -1.79
C PRO B 328 -35.08 4.57 -3.02
N CYS B 329 -34.75 5.85 -2.86
CA CYS B 329 -34.19 6.67 -3.91
C CYS B 329 -32.71 6.94 -3.63
N LEU B 330 -32.03 7.46 -4.64
CA LEU B 330 -30.66 7.92 -4.50
C LEU B 330 -30.67 9.44 -4.39
N GLN B 331 -30.04 9.97 -3.33
CA GLN B 331 -29.94 11.41 -3.16
C GLN B 331 -28.70 11.91 -3.89
N VAL B 332 -28.91 12.62 -4.99
CA VAL B 332 -27.81 13.14 -5.80
C VAL B 332 -27.79 14.66 -5.69
N GLY B 333 -26.66 15.24 -6.10
CA GLY B 333 -26.50 16.68 -6.08
C GLY B 333 -26.46 17.25 -4.68
N GLN B 334 -26.43 18.57 -4.62
CA GLN B 334 -26.37 19.28 -3.35
C GLN B 334 -27.61 18.96 -2.51
N GLU B 335 -27.40 18.87 -1.19
CA GLU B 335 -28.50 18.57 -0.29
C GLU B 335 -29.63 19.57 -0.42
N GLN B 336 -29.32 20.82 -0.78
CA GLN B 336 -30.34 21.86 -0.82
C GLN B 336 -31.43 21.53 -1.83
N LYS B 337 -31.07 20.97 -2.98
CA LYS B 337 -32.03 20.85 -4.07
C LYS B 337 -33.04 19.73 -3.84
N HIS B 338 -32.71 18.71 -3.05
CA HIS B 338 -33.60 17.57 -2.83
C HIS B 338 -33.74 16.75 -4.11
N THR B 339 -32.61 16.39 -4.71
CA THR B 339 -32.61 15.64 -5.96
C THR B 339 -32.64 14.15 -5.65
N TYR B 340 -33.80 13.52 -5.86
CA TYR B 340 -33.98 12.11 -5.60
C TYR B 340 -34.20 11.37 -6.90
N LEU B 341 -33.47 10.27 -7.08
CA LEU B 341 -33.56 9.48 -8.29
C LEU B 341 -34.01 8.06 -7.95
N PRO B 342 -35.13 7.59 -8.48
CA PRO B 342 -35.51 6.19 -8.26
C PRO B 342 -34.43 5.25 -8.76
N LEU B 343 -34.34 4.07 -8.14
CA LEU B 343 -33.28 3.14 -8.49
C LEU B 343 -33.39 2.68 -9.95
N GLU B 344 -34.60 2.36 -10.40
CA GLU B 344 -34.80 1.75 -11.71
C GLU B 344 -34.52 2.68 -12.87
N VAL B 345 -34.08 3.92 -12.62
CA VAL B 345 -33.80 4.87 -13.68
C VAL B 345 -32.31 5.19 -13.80
N CYS B 346 -31.46 4.61 -12.95
CA CYS B 346 -30.05 4.92 -12.93
C CYS B 346 -29.21 3.70 -13.30
N ASN B 347 -28.12 3.95 -14.01
CA ASN B 347 -27.06 2.99 -14.23
C ASN B 347 -25.82 3.42 -13.46
N ILE B 348 -25.08 2.45 -12.94
CA ILE B 348 -23.74 2.75 -12.47
C ILE B 348 -22.86 3.11 -13.66
N VAL B 349 -22.15 4.23 -13.56
CA VAL B 349 -21.37 4.73 -14.68
C VAL B 349 -20.13 3.88 -14.89
N ALA B 350 -19.87 3.52 -16.14
CA ALA B 350 -18.79 2.60 -16.47
C ALA B 350 -17.43 3.27 -16.32
N GLY B 351 -16.50 2.57 -15.67
CA GLY B 351 -15.14 3.04 -15.56
C GLY B 351 -14.71 3.49 -14.18
N GLN B 352 -15.59 3.40 -13.17
CA GLN B 352 -15.26 3.87 -11.83
C GLN B 352 -14.40 2.84 -11.11
N ARG B 353 -13.25 3.28 -10.62
CA ARG B 353 -12.32 2.36 -9.97
C ARG B 353 -12.69 2.19 -8.50
N CYS B 354 -12.83 0.92 -8.09
CA CYS B 354 -13.24 0.60 -6.73
C CYS B 354 -12.11 0.87 -5.76
N ILE B 355 -12.32 1.81 -4.84
CA ILE B 355 -11.35 2.12 -3.81
C ILE B 355 -11.77 1.62 -2.43
N LYS B 356 -13.08 1.51 -2.16
CA LYS B 356 -13.51 0.91 -0.90
C LYS B 356 -12.92 -0.50 -0.77
N LYS B 357 -12.71 -0.91 0.48
CA LYS B 357 -12.05 -2.18 0.73
C LYS B 357 -12.89 -3.34 0.21
N LEU B 358 -12.20 -4.38 -0.24
CA LEU B 358 -12.85 -5.56 -0.81
C LEU B 358 -13.06 -6.63 0.26
N THR B 359 -14.15 -7.37 0.13
CA THR B 359 -14.39 -8.50 1.02
C THR B 359 -13.25 -9.50 0.91
N ASP B 360 -13.16 -10.37 1.91
CA ASP B 360 -12.08 -11.35 1.93
C ASP B 360 -12.15 -12.28 0.72
N ASN B 361 -13.35 -12.62 0.26
CA ASN B 361 -13.49 -13.51 -0.88
C ASN B 361 -13.17 -12.81 -2.20
N GLN B 362 -13.63 -11.56 -2.36
CA GLN B 362 -13.28 -10.81 -3.56
C GLN B 362 -11.78 -10.67 -3.69
N THR B 363 -11.08 -10.42 -2.58
CA THR B 363 -9.63 -10.24 -2.63
C THR B 363 -8.95 -11.50 -3.15
N SER B 364 -9.38 -12.67 -2.67
CA SER B 364 -8.76 -13.92 -3.11
C SER B 364 -9.02 -14.20 -4.58
N THR B 365 -10.21 -13.84 -5.06
CA THR B 365 -10.54 -14.07 -6.48
C THR B 365 -9.74 -13.14 -7.38
N MET B 366 -9.51 -11.90 -6.94
CA MET B 366 -8.69 -10.99 -7.72
C MET B 366 -7.23 -11.42 -7.70
N ILE B 367 -6.73 -11.85 -6.54
CA ILE B 367 -5.34 -12.29 -6.44
C ILE B 367 -5.11 -13.52 -7.30
N ARG B 368 -5.98 -14.52 -7.16
CA ARG B 368 -5.86 -15.72 -7.98
C ARG B 368 -5.87 -15.38 -9.46
N ALA B 369 -6.76 -14.47 -9.87
CA ALA B 369 -6.92 -14.16 -11.28
C ALA B 369 -5.83 -13.25 -11.83
N THR B 370 -5.01 -12.65 -10.97
CA THR B 370 -4.00 -11.70 -11.42
C THR B 370 -2.57 -12.17 -11.21
N ALA B 371 -2.34 -13.15 -10.35
CA ALA B 371 -1.00 -13.69 -10.16
C ALA B 371 -0.49 -14.30 -11.45
N ARG B 372 0.73 -13.94 -11.83
CA ARG B 372 1.42 -14.52 -12.96
C ARG B 372 2.85 -14.86 -12.53
N SER B 373 3.34 -16.02 -12.97
CA SER B 373 4.72 -16.36 -12.69
C SER B 373 5.65 -15.35 -13.35
N ALA B 374 6.85 -15.21 -12.80
CA ALA B 374 7.84 -14.32 -13.38
C ALA B 374 8.00 -14.52 -14.89
N PRO B 375 8.21 -15.73 -15.41
CA PRO B 375 8.34 -15.87 -16.87
C PRO B 375 7.09 -15.42 -17.61
N ASP B 376 5.90 -15.75 -17.09
CA ASP B 376 4.68 -15.32 -17.75
C ASP B 376 4.55 -13.81 -17.77
N ARG B 377 4.88 -13.14 -16.65
CA ARG B 377 4.79 -11.68 -16.62
C ARG B 377 5.73 -11.05 -17.64
N GLN B 378 6.94 -11.59 -17.78
CA GLN B 378 7.88 -11.05 -18.75
C GLN B 378 7.30 -11.11 -20.16
N GLU B 379 6.59 -12.20 -20.49
CA GLU B 379 6.00 -12.33 -21.82
C GLU B 379 4.85 -11.34 -22.01
N GLU B 380 3.97 -11.20 -21.01
CA GLU B 380 2.88 -10.24 -21.12
C GLU B 380 3.41 -8.83 -21.35
N ILE B 381 4.54 -8.49 -20.73
CA ILE B 381 5.15 -7.19 -20.96
C ILE B 381 5.68 -7.10 -22.38
N SER B 382 6.35 -8.16 -22.84
CA SER B 382 6.83 -8.19 -24.23
C SER B 382 5.68 -8.03 -25.20
N LYS B 383 4.55 -8.70 -24.95
CA LYS B 383 3.38 -8.50 -25.79
C LYS B 383 2.91 -7.05 -25.76
N LEU B 384 2.90 -6.45 -24.56
CA LEU B 384 2.47 -5.06 -24.44
C LEU B 384 3.34 -4.15 -25.30
N MET B 385 4.66 -4.35 -25.25
CA MET B 385 5.55 -3.51 -26.05
C MET B 385 5.27 -3.67 -27.53
N ARG B 386 4.97 -4.90 -27.96
CA ARG B 386 4.70 -5.15 -29.38
C ARG B 386 3.43 -4.43 -29.82
N SER B 387 2.35 -4.57 -29.04
CA SER B 387 1.08 -3.96 -29.43
C SER B 387 1.07 -2.45 -29.21
N ALA B 388 1.87 -1.95 -28.27
CA ALA B 388 2.00 -0.50 -28.11
C ALA B 388 2.69 0.12 -29.32
N SER B 389 3.69 -0.56 -29.86
CA SER B 389 4.40 -0.14 -31.07
C SER B 389 4.72 1.35 -31.01
N PHE B 390 5.47 1.72 -29.97
CA PHE B 390 5.75 3.13 -29.72
C PHE B 390 6.45 3.78 -30.89
N ASN B 391 7.33 3.04 -31.58
CA ASN B 391 8.11 3.64 -32.66
C ASN B 391 7.27 3.89 -33.91
N THR B 392 5.97 3.58 -33.86
CA THR B 392 5.03 3.96 -34.90
C THR B 392 3.90 4.83 -34.35
N ASP B 393 3.98 5.26 -33.10
CA ASP B 393 3.05 6.24 -32.56
C ASP B 393 3.35 7.58 -33.21
N PRO B 394 2.41 8.17 -33.95
CA PRO B 394 2.70 9.44 -34.64
C PRO B 394 3.13 10.55 -33.70
N TYR B 395 2.67 10.54 -32.44
CA TYR B 395 3.09 11.59 -31.51
C TYR B 395 4.52 11.34 -31.02
N VAL B 396 4.89 10.08 -30.81
CA VAL B 396 6.27 9.76 -30.47
C VAL B 396 7.20 10.11 -31.62
N ARG B 397 6.79 9.83 -32.86
CA ARG B 397 7.63 10.13 -34.00
C ARG B 397 7.69 11.63 -34.26
N GLU B 398 6.57 12.33 -34.05
CA GLU B 398 6.56 13.79 -34.15
C GLU B 398 7.69 14.41 -33.35
N PHE B 399 7.85 13.96 -32.11
CA PHE B 399 8.91 14.46 -31.23
C PHE B 399 10.23 13.72 -31.39
N GLY B 400 10.32 12.80 -32.36
CA GLY B 400 11.58 12.16 -32.67
C GLY B 400 12.10 11.21 -31.62
N ILE B 401 11.20 10.58 -30.87
CA ILE B 401 11.58 9.66 -29.79
C ILE B 401 11.53 8.24 -30.31
N MET B 402 12.49 7.43 -29.88
CA MET B 402 12.49 5.99 -30.13
C MET B 402 12.55 5.23 -28.82
N VAL B 403 11.93 4.06 -28.79
CA VAL B 403 11.94 3.18 -27.62
C VAL B 403 12.51 1.84 -28.05
N LYS B 404 13.59 1.42 -27.40
CA LYS B 404 14.12 0.09 -27.62
C LYS B 404 13.10 -0.96 -27.22
N ASP B 405 12.96 -2.01 -28.03
CA ASP B 405 11.92 -3.01 -27.77
C ASP B 405 12.39 -4.16 -26.88
N GLU B 406 13.68 -4.21 -26.55
CA GLU B 406 14.20 -5.21 -25.62
C GLU B 406 14.28 -4.64 -24.22
N MET B 407 14.02 -5.49 -23.23
CA MET B 407 14.21 -5.09 -21.84
C MET B 407 15.67 -4.77 -21.58
N THR B 408 15.90 -3.82 -20.68
CA THR B 408 17.28 -3.46 -20.34
C THR B 408 17.98 -4.62 -19.65
N ASP B 409 19.23 -4.85 -20.03
CA ASP B 409 20.09 -5.83 -19.37
C ASP B 409 20.81 -5.16 -18.22
N VAL B 410 20.75 -5.79 -17.05
CA VAL B 410 21.44 -5.29 -15.87
C VAL B 410 22.08 -6.47 -15.15
N THR B 411 23.29 -6.24 -14.64
CA THR B 411 23.96 -7.22 -13.78
C THR B 411 23.51 -6.99 -12.34
N GLY B 412 22.97 -8.03 -11.73
CA GLY B 412 22.67 -8.01 -10.32
C GLY B 412 23.74 -8.73 -9.52
N ARG B 413 23.68 -8.55 -8.21
CA ARG B 413 24.56 -9.25 -7.28
C ARG B 413 23.69 -9.94 -6.24
N VAL B 414 23.86 -11.25 -6.12
CA VAL B 414 23.18 -12.02 -5.08
C VAL B 414 24.04 -11.92 -3.83
N LEU B 415 23.59 -11.13 -2.86
CA LEU B 415 24.30 -11.02 -1.60
C LEU B 415 24.19 -12.33 -0.83
N GLN B 416 25.21 -12.62 -0.06
CA GLN B 416 25.11 -13.84 0.71
C GLN B 416 24.35 -13.60 2.01
N PRO B 417 23.52 -14.54 2.43
CA PRO B 417 22.66 -14.30 3.59
C PRO B 417 23.46 -14.40 4.89
N PRO B 418 22.93 -13.83 5.97
CA PRO B 418 23.57 -14.02 7.28
C PRO B 418 23.34 -15.42 7.82
N SER B 419 24.13 -15.76 8.84
CA SER B 419 23.89 -16.97 9.61
C SER B 419 22.99 -16.64 10.79
N ILE B 420 22.12 -17.58 11.15
CA ILE B 420 21.14 -17.38 12.21
C ILE B 420 21.56 -18.24 13.39
N LEU B 421 21.87 -17.59 14.51
CA LEU B 421 22.35 -18.26 15.71
C LEU B 421 21.17 -18.59 16.63
N TYR B 422 21.03 -19.86 16.97
CA TYR B 422 19.99 -20.32 17.89
C TYR B 422 20.62 -20.68 19.24
N GLY B 423 19.78 -21.03 20.18
CA GLY B 423 20.17 -21.28 21.56
C GLY B 423 20.22 -22.76 21.89
N GLY B 424 20.01 -23.07 23.17
CA GLY B 424 20.06 -24.43 23.63
C GLY B 424 21.48 -24.96 23.73
N ARG B 425 21.57 -26.26 23.98
CA ARG B 425 22.89 -26.88 24.15
C ARG B 425 23.65 -26.95 22.83
N ASN B 426 22.95 -27.10 21.71
CA ASN B 426 23.63 -27.21 20.42
C ASN B 426 24.30 -25.91 20.03
N LYS B 427 23.65 -24.78 20.30
CA LYS B 427 24.12 -23.48 19.81
C LYS B 427 24.18 -23.50 18.29
N ALA B 428 23.06 -23.87 17.68
CA ALA B 428 23.02 -24.20 16.26
C ALA B 428 22.95 -22.96 15.39
N ILE B 429 23.62 -23.04 14.24
CA ILE B 429 23.68 -21.95 13.27
C ILE B 429 22.93 -22.41 12.03
N ALA B 430 21.82 -21.73 11.74
CA ALA B 430 21.12 -21.95 10.50
C ALA B 430 21.74 -21.11 9.39
N THR B 431 21.73 -21.66 8.19
CA THR B 431 22.20 -20.94 7.00
C THR B 431 21.06 -20.86 6.00
N PRO B 432 20.48 -19.69 5.77
CA PRO B 432 19.38 -19.59 4.81
C PRO B 432 19.77 -20.13 3.44
N VAL B 433 18.86 -20.90 2.84
CA VAL B 433 18.99 -21.36 1.47
C VAL B 433 17.79 -20.83 0.70
N GLN B 434 18.06 -20.09 -0.37
CA GLN B 434 17.02 -19.46 -1.19
C GLN B 434 16.05 -18.65 -0.33
N GLY B 435 16.59 -17.98 0.68
CA GLY B 435 15.82 -17.10 1.53
C GLY B 435 14.98 -17.78 2.59
N VAL B 436 15.25 -19.06 2.89
CA VAL B 436 14.46 -19.82 3.86
C VAL B 436 15.39 -20.65 4.74
N TRP B 437 14.96 -20.86 5.97
CA TRP B 437 15.58 -21.84 6.85
C TRP B 437 14.48 -22.41 7.74
N ASP B 438 14.84 -23.36 8.60
CA ASP B 438 13.88 -23.95 9.51
C ASP B 438 14.54 -24.10 10.88
N MET B 439 13.81 -24.73 11.80
CA MET B 439 14.21 -24.81 13.20
C MET B 439 14.30 -26.24 13.70
N ARG B 440 14.32 -27.22 12.79
CA ARG B 440 14.49 -28.60 13.19
C ARG B 440 15.86 -28.81 13.83
N ASN B 441 15.87 -29.42 15.02
CA ASN B 441 17.11 -29.70 15.75
C ASN B 441 17.77 -28.42 16.26
N LYS B 442 16.98 -27.38 16.48
CA LYS B 442 17.45 -26.12 17.03
C LYS B 442 16.38 -25.59 17.97
N GLN B 443 16.80 -24.81 18.97
CA GLN B 443 15.84 -24.19 19.87
C GLN B 443 16.21 -22.72 20.07
N PHE B 444 15.28 -21.98 20.68
CA PHE B 444 15.36 -20.53 20.76
C PHE B 444 16.65 -20.08 21.44
N HIS B 445 17.16 -18.92 20.99
CA HIS B 445 18.33 -18.33 21.61
C HIS B 445 18.09 -18.06 23.09
N THR B 446 16.95 -17.44 23.41
CA THR B 446 16.49 -17.22 24.79
C THR B 446 15.06 -17.75 24.87
N GLY B 447 14.93 -19.05 25.13
CA GLY B 447 13.63 -19.63 25.35
C GLY B 447 13.07 -19.27 26.71
N ILE B 448 11.74 -19.31 26.82
CA ILE B 448 11.05 -18.86 28.01
C ILE B 448 10.21 -20.01 28.56
N GLU B 449 10.44 -20.36 29.83
CA GLU B 449 9.60 -21.34 30.51
C GLU B 449 8.19 -20.82 30.63
N ILE B 450 7.23 -21.60 30.17
CA ILE B 450 5.81 -21.29 30.32
C ILE B 450 5.29 -22.21 31.41
N LYS B 451 5.25 -21.72 32.65
CA LYS B 451 4.85 -22.54 33.79
C LYS B 451 3.37 -22.42 34.10
N VAL B 452 2.77 -21.26 33.88
CA VAL B 452 1.33 -21.08 34.06
C VAL B 452 0.79 -20.32 32.85
N TRP B 453 -0.13 -20.94 32.13
CA TRP B 453 -0.78 -20.41 30.95
C TRP B 453 -2.21 -20.93 30.98
N ALA B 454 -2.93 -20.77 29.86
CA ALA B 454 -4.22 -21.43 29.72
C ALA B 454 -5.00 -20.96 28.48
N ILE B 455 -6.19 -21.54 28.30
CA ILE B 455 -6.91 -21.52 27.03
C ILE B 455 -8.30 -20.95 27.26
N ALA B 456 -8.65 -19.95 26.45
CA ALA B 456 -10.01 -19.43 26.37
C ALA B 456 -10.57 -19.81 25.00
N CYS B 457 -11.65 -20.59 24.99
CA CYS B 457 -12.26 -21.10 23.77
C CYS B 457 -13.54 -20.33 23.51
N PHE B 458 -13.58 -19.58 22.40
CA PHE B 458 -14.76 -18.84 21.99
C PHE B 458 -15.52 -19.51 20.85
N ALA B 459 -15.20 -20.77 20.57
CA ALA B 459 -15.95 -21.58 19.62
C ALA B 459 -16.83 -22.57 20.38
N PRO B 460 -18.10 -22.72 20.00
CA PRO B 460 -18.97 -23.68 20.68
C PRO B 460 -18.31 -25.05 20.78
N GLN B 461 -18.54 -25.73 21.91
CA GLN B 461 -17.82 -26.97 22.16
C GLN B 461 -18.27 -28.11 21.27
N ARG B 462 -19.43 -27.98 20.62
CA ARG B 462 -19.75 -28.90 19.53
C ARG B 462 -18.68 -28.83 18.46
N GLN B 463 -18.23 -27.61 18.13
CA GLN B 463 -17.12 -27.44 17.20
C GLN B 463 -15.79 -27.79 17.87
N CYS B 464 -15.52 -27.18 19.03
CA CYS B 464 -14.29 -27.39 19.77
C CYS B 464 -14.59 -28.21 21.02
N THR B 465 -14.11 -29.45 21.05
CA THR B 465 -14.38 -30.36 22.14
C THR B 465 -13.21 -30.43 23.10
N GLU B 466 -13.49 -30.93 24.31
CA GLU B 466 -12.43 -31.14 25.30
C GLU B 466 -11.33 -32.02 24.74
N VAL B 467 -11.70 -33.07 24.01
CA VAL B 467 -10.69 -33.92 23.37
C VAL B 467 -9.88 -33.12 22.37
N HIS B 468 -10.52 -32.17 21.69
CA HIS B 468 -9.80 -31.31 20.75
C HIS B 468 -8.78 -30.45 21.48
N LEU B 469 -9.20 -29.75 22.54
CA LEU B 469 -8.28 -28.89 23.27
C LEU B 469 -7.04 -29.64 23.71
N LYS B 470 -7.22 -30.78 24.38
CA LYS B 470 -6.07 -31.58 24.78
C LYS B 470 -5.37 -32.18 23.56
N SER B 471 -6.12 -32.53 22.52
CA SER B 471 -5.49 -33.01 21.29
C SER B 471 -4.68 -31.90 20.63
N PHE B 472 -5.06 -30.65 20.84
CA PHE B 472 -4.28 -29.51 20.39
C PHE B 472 -3.18 -29.15 21.37
N THR B 473 -3.45 -29.27 22.68
CA THR B 473 -2.46 -28.88 23.68
C THR B 473 -1.30 -29.87 23.73
N GLU B 474 -1.58 -31.16 23.54
CA GLU B 474 -0.53 -32.16 23.65
C GLU B 474 0.53 -32.00 22.57
N GLN B 475 0.16 -31.51 21.38
CA GLN B 475 1.15 -31.38 20.33
C GLN B 475 1.91 -30.06 20.40
N LEU B 476 1.27 -29.01 20.89
CA LEU B 476 1.99 -27.77 21.16
C LEU B 476 3.06 -27.98 22.22
N ARG B 477 2.79 -28.86 23.19
CA ARG B 477 3.79 -29.24 24.17
C ARG B 477 5.05 -29.79 23.49
N LYS B 478 4.88 -30.82 22.66
CA LYS B 478 6.02 -31.44 22.00
C LYS B 478 6.81 -30.42 21.19
N ILE B 479 6.12 -29.68 20.31
CA ILE B 479 6.81 -28.65 19.54
C ILE B 479 7.37 -27.57 20.47
N SER B 480 6.74 -27.36 21.61
CA SER B 480 7.20 -26.38 22.58
C SER B 480 8.59 -26.72 23.11
N ARG B 481 8.67 -27.84 23.85
CA ARG B 481 9.94 -28.19 24.47
C ARG B 481 11.02 -28.47 23.42
N ASP B 482 10.64 -29.06 22.29
CA ASP B 482 11.60 -29.27 21.21
C ASP B 482 12.25 -27.95 20.80
N ALA B 483 11.45 -26.89 20.70
CA ALA B 483 11.91 -25.60 20.19
C ALA B 483 12.57 -24.74 21.25
N GLY B 484 12.81 -25.25 22.45
CA GLY B 484 13.46 -24.48 23.49
C GLY B 484 12.55 -23.60 24.32
N MET B 485 11.27 -23.51 23.97
CA MET B 485 10.28 -22.82 24.79
C MET B 485 9.35 -23.86 25.41
N PRO B 486 9.61 -24.31 26.63
CA PRO B 486 8.83 -25.43 27.17
C PRO B 486 7.59 -25.00 27.93
N ILE B 487 6.41 -25.35 27.42
CA ILE B 487 5.16 -25.19 28.17
C ILE B 487 5.12 -26.32 29.19
N GLN B 488 5.55 -26.02 30.42
CA GLN B 488 5.87 -27.07 31.39
C GLN B 488 4.68 -28.00 31.63
N GLY B 489 3.51 -27.44 31.91
CA GLY B 489 2.39 -28.27 32.32
C GLY B 489 1.12 -28.09 31.52
N GLN B 490 0.02 -28.62 32.05
CA GLN B 490 -1.28 -28.48 31.43
C GLN B 490 -1.77 -27.04 31.52
N PRO B 491 -2.84 -26.70 30.81
CA PRO B 491 -3.46 -25.38 30.98
C PRO B 491 -4.20 -25.32 32.31
N CYS B 492 -3.76 -24.41 33.18
CA CYS B 492 -4.35 -24.34 34.52
C CYS B 492 -5.84 -24.04 34.47
N PHE B 493 -6.24 -23.01 33.71
CA PHE B 493 -7.65 -22.75 33.48
C PHE B 493 -8.02 -23.06 32.04
N CYS B 494 -9.20 -23.64 31.85
CA CYS B 494 -9.70 -23.98 30.52
C CYS B 494 -11.22 -23.87 30.58
N LYS B 495 -11.75 -22.72 30.17
CA LYS B 495 -13.19 -22.45 30.25
C LYS B 495 -13.67 -21.86 28.93
N TYR B 496 -14.67 -22.50 28.32
CA TYR B 496 -15.24 -22.01 27.09
C TYR B 496 -16.18 -20.84 27.37
N ALA B 497 -16.73 -20.26 26.30
CA ALA B 497 -17.63 -19.12 26.42
C ALA B 497 -17.88 -18.45 25.07
N GLN B 498 -18.78 -17.47 25.06
CA GLN B 498 -19.08 -16.71 23.85
C GLN B 498 -19.44 -15.29 24.26
N GLY B 499 -19.28 -14.36 23.34
CA GLY B 499 -19.66 -12.99 23.58
C GLY B 499 -18.48 -12.08 23.81
N ALA B 500 -18.46 -10.94 23.12
CA ALA B 500 -17.37 -9.99 23.28
C ALA B 500 -17.41 -9.32 24.64
N ASP B 501 -18.61 -9.15 25.22
CA ASP B 501 -18.68 -8.65 26.58
C ASP B 501 -18.09 -9.68 27.54
N SER B 502 -18.25 -10.96 27.23
CA SER B 502 -17.61 -12.01 28.03
C SER B 502 -16.10 -11.86 28.06
N VAL B 503 -15.52 -11.15 27.10
CA VAL B 503 -14.06 -11.11 26.95
C VAL B 503 -13.43 -10.44 28.17
N GLU B 504 -13.75 -9.17 28.39
CA GLU B 504 -13.11 -8.42 29.46
C GLU B 504 -13.31 -9.06 30.83
N PRO B 505 -14.53 -9.36 31.27
CA PRO B 505 -14.70 -10.00 32.59
C PRO B 505 -13.87 -11.25 32.78
N MET B 506 -13.92 -12.19 31.83
CA MET B 506 -13.11 -13.39 31.92
C MET B 506 -11.65 -13.06 32.17
N PHE B 507 -11.12 -12.07 31.43
CA PHE B 507 -9.72 -11.71 31.57
C PHE B 507 -9.42 -11.10 32.93
N ARG B 508 -10.26 -10.14 33.36
CA ARG B 508 -10.08 -9.59 34.70
C ARG B 508 -10.08 -10.69 35.75
N HIS B 509 -10.92 -11.71 35.56
CA HIS B 509 -10.96 -12.83 36.49
C HIS B 509 -9.61 -13.55 36.54
N LEU B 510 -8.99 -13.77 35.38
CA LEU B 510 -7.81 -14.63 35.31
C LEU B 510 -6.57 -13.95 35.85
N LYS B 511 -6.34 -12.68 35.51
CA LYS B 511 -5.11 -12.01 35.93
C LYS B 511 -4.96 -12.01 37.44
N ASN B 512 -6.06 -11.77 38.16
CA ASN B 512 -5.97 -11.66 39.62
C ASN B 512 -5.77 -13.02 40.27
N THR B 513 -6.44 -14.05 39.76
CA THR B 513 -6.52 -15.32 40.49
C THR B 513 -5.32 -16.23 40.25
N TYR B 514 -4.73 -16.19 39.05
CA TYR B 514 -3.57 -17.02 38.72
C TYR B 514 -2.33 -16.14 38.78
N ALA B 515 -1.52 -16.31 39.83
CA ALA B 515 -0.31 -15.53 39.97
C ALA B 515 0.69 -15.90 38.88
N GLY B 516 1.27 -14.89 38.25
CA GLY B 516 2.26 -15.13 37.22
C GLY B 516 1.73 -15.75 35.95
N LEU B 517 0.43 -15.66 35.69
CA LEU B 517 -0.14 -16.16 34.46
C LEU B 517 0.53 -15.48 33.26
N GLN B 518 1.36 -16.22 32.54
CA GLN B 518 2.17 -15.61 31.48
C GLN B 518 1.37 -15.44 30.19
N LEU B 519 0.64 -16.46 29.78
CA LEU B 519 0.03 -16.49 28.44
C LEU B 519 -1.40 -16.97 28.51
N VAL B 520 -2.25 -16.40 27.64
CA VAL B 520 -3.64 -16.78 27.50
C VAL B 520 -3.90 -17.10 26.05
N VAL B 521 -4.05 -18.38 25.73
CA VAL B 521 -4.37 -18.80 24.37
C VAL B 521 -5.89 -18.69 24.16
N VAL B 522 -6.29 -18.10 23.05
CA VAL B 522 -7.69 -17.88 22.72
C VAL B 522 -7.99 -18.59 21.41
N ILE B 523 -9.21 -19.12 21.31
CA ILE B 523 -9.64 -19.88 20.14
C ILE B 523 -10.81 -19.15 19.52
N LEU B 524 -10.69 -18.81 18.23
CA LEU B 524 -11.71 -18.03 17.55
C LEU B 524 -12.41 -18.86 16.48
N PRO B 525 -13.71 -18.71 16.34
CA PRO B 525 -14.44 -19.48 15.33
C PRO B 525 -14.69 -18.67 14.07
N GLY B 526 -13.70 -18.56 13.20
CA GLY B 526 -13.87 -17.67 12.07
C GLY B 526 -13.90 -16.22 12.49
N LYS B 527 -14.22 -15.36 11.52
CA LYS B 527 -14.17 -13.94 11.77
C LYS B 527 -15.20 -13.54 12.83
N THR B 528 -14.78 -12.66 13.74
CA THR B 528 -15.64 -12.22 14.82
C THR B 528 -15.05 -10.98 15.46
N PRO B 529 -15.88 -10.04 15.92
CA PRO B 529 -15.35 -8.88 16.63
C PRO B 529 -14.73 -9.22 17.97
N VAL B 530 -14.84 -10.48 18.42
CA VAL B 530 -14.20 -10.86 19.66
C VAL B 530 -12.70 -10.66 19.57
N TYR B 531 -12.13 -10.91 18.38
CA TYR B 531 -10.69 -10.70 18.19
C TYR B 531 -10.29 -9.28 18.55
N ALA B 532 -11.01 -8.29 18.02
CA ALA B 532 -10.69 -6.90 18.32
C ALA B 532 -10.76 -6.63 19.82
N GLU B 533 -11.74 -7.22 20.50
CA GLU B 533 -11.87 -7.02 21.94
C GLU B 533 -10.79 -7.77 22.72
N VAL B 534 -10.32 -8.91 22.20
CA VAL B 534 -9.28 -9.66 22.91
C VAL B 534 -7.98 -8.87 22.91
N LYS B 535 -7.61 -8.27 21.78
CA LYS B 535 -6.39 -7.47 21.74
C LYS B 535 -6.54 -6.18 22.54
N ARG B 536 -7.68 -5.51 22.40
CA ARG B 536 -7.90 -4.27 23.14
C ARG B 536 -7.78 -4.50 24.65
N VAL B 537 -8.47 -5.52 25.16
CA VAL B 537 -8.43 -5.80 26.59
C VAL B 537 -7.02 -6.17 27.02
N GLY B 538 -6.42 -7.15 26.33
CA GLY B 538 -5.12 -7.65 26.75
C GLY B 538 -3.99 -6.67 26.51
N ASP B 539 -4.01 -6.00 25.36
CA ASP B 539 -2.91 -5.09 25.02
C ASP B 539 -2.96 -3.81 25.85
N THR B 540 -4.14 -3.20 25.96
CA THR B 540 -4.28 -1.84 26.46
C THR B 540 -5.03 -1.73 27.78
N VAL B 541 -5.53 -2.82 28.35
CA VAL B 541 -6.34 -2.75 29.56
C VAL B 541 -5.69 -3.53 30.69
N LEU B 542 -5.59 -4.85 30.54
CA LEU B 542 -5.03 -5.71 31.57
C LEU B 542 -3.55 -5.99 31.36
N GLY B 543 -3.07 -5.92 30.11
CA GLY B 543 -1.66 -6.14 29.84
C GLY B 543 -1.26 -7.60 29.91
N MET B 544 -2.03 -8.48 29.28
CA MET B 544 -1.77 -9.91 29.29
C MET B 544 -1.34 -10.36 27.90
N ALA B 545 -0.29 -11.18 27.84
CA ALA B 545 0.11 -11.78 26.59
C ALA B 545 -1.02 -12.61 26.02
N THR B 546 -1.42 -12.31 24.79
CA THR B 546 -2.55 -12.96 24.13
C THR B 546 -2.07 -13.71 22.90
N GLN B 547 -2.68 -14.85 22.62
CA GLN B 547 -2.36 -15.64 21.43
C GLN B 547 -3.64 -16.32 20.94
N CYS B 548 -4.23 -15.77 19.89
CA CYS B 548 -5.41 -16.35 19.26
C CYS B 548 -5.02 -17.39 18.23
N VAL B 549 -5.89 -18.39 18.06
CA VAL B 549 -5.71 -19.43 17.05
C VAL B 549 -7.06 -19.71 16.42
N GLN B 550 -7.11 -19.71 15.10
CA GLN B 550 -8.33 -20.07 14.38
C GLN B 550 -8.78 -21.46 14.81
N MET B 551 -10.10 -21.66 14.80
CA MET B 551 -10.66 -22.94 15.24
C MET B 551 -10.30 -24.08 14.30
N LYS B 552 -10.10 -23.77 13.02
CA LYS B 552 -9.72 -24.82 12.07
C LYS B 552 -8.35 -25.40 12.39
N ASN B 553 -7.44 -24.57 12.92
CA ASN B 553 -6.07 -25.00 13.16
C ASN B 553 -5.91 -25.84 14.42
N VAL B 554 -6.87 -25.76 15.35
CA VAL B 554 -6.79 -26.60 16.54
C VAL B 554 -7.18 -28.04 16.21
N GLN B 555 -8.18 -28.22 15.36
CA GLN B 555 -8.65 -29.56 15.04
C GLN B 555 -7.64 -30.32 14.19
N ARG B 556 -7.10 -29.67 13.15
CA ARG B 556 -6.09 -30.27 12.29
C ARG B 556 -4.76 -29.53 12.52
N THR B 557 -3.81 -30.23 13.14
CA THR B 557 -2.57 -29.62 13.59
C THR B 557 -1.44 -29.97 12.63
N THR B 558 -0.64 -28.96 12.30
CA THR B 558 0.60 -29.13 11.54
C THR B 558 1.79 -28.79 12.42
N PRO B 559 2.86 -29.59 12.37
CA PRO B 559 4.07 -29.23 13.14
C PRO B 559 4.63 -27.87 12.75
N GLN B 560 4.64 -27.55 11.46
CA GLN B 560 5.12 -26.25 11.03
C GLN B 560 4.20 -25.14 11.54
N THR B 561 2.89 -25.36 11.48
CA THR B 561 1.97 -24.37 12.03
C THR B 561 2.15 -24.23 13.54
N LEU B 562 2.28 -25.35 14.25
CA LEU B 562 2.55 -25.28 15.68
C LEU B 562 3.86 -24.56 15.95
N SER B 563 4.91 -24.92 15.21
CA SER B 563 6.21 -24.28 15.41
C SER B 563 6.11 -22.79 15.16
N ASN B 564 5.55 -22.38 14.03
CA ASN B 564 5.32 -20.96 13.78
C ASN B 564 4.53 -20.33 14.91
N LEU B 565 3.60 -21.08 15.51
CA LEU B 565 2.83 -20.54 16.62
C LEU B 565 3.72 -20.30 17.84
N CYS B 566 4.78 -21.09 18.01
CA CYS B 566 5.69 -20.87 19.12
C CYS B 566 6.59 -19.65 18.88
N LEU B 567 6.96 -19.39 17.62
CA LEU B 567 7.73 -18.19 17.32
C LEU B 567 7.06 -16.95 17.90
N LYS B 568 5.75 -16.83 17.72
CA LYS B 568 5.03 -15.65 18.21
C LYS B 568 4.88 -15.69 19.73
N ILE B 569 4.60 -16.87 20.28
CA ILE B 569 4.41 -17.00 21.73
C ILE B 569 5.66 -16.59 22.48
N ASN B 570 6.80 -17.21 22.14
CA ASN B 570 8.05 -16.93 22.84
C ASN B 570 8.35 -15.44 22.84
N VAL B 571 8.27 -14.80 21.66
CA VAL B 571 8.55 -13.37 21.56
C VAL B 571 7.56 -12.58 22.41
N LYS B 572 6.28 -12.94 22.36
CA LYS B 572 5.28 -12.21 23.15
C LYS B 572 5.57 -12.29 24.64
N LEU B 573 6.36 -13.26 25.10
CA LEU B 573 6.66 -13.43 26.50
C LEU B 573 8.04 -12.91 26.88
N GLY B 574 8.79 -12.35 25.94
CA GLY B 574 10.07 -11.74 26.23
C GLY B 574 11.28 -12.49 25.72
N GLY B 575 11.11 -13.56 24.95
CA GLY B 575 12.23 -14.36 24.49
C GLY B 575 12.88 -13.86 23.21
N VAL B 576 14.04 -14.43 22.91
CA VAL B 576 14.79 -14.15 21.69
C VAL B 576 14.86 -15.44 20.89
N ASN B 577 14.10 -15.52 19.79
CA ASN B 577 14.05 -16.75 19.00
C ASN B 577 15.41 -17.09 18.41
N ASN B 578 16.11 -16.09 17.90
CA ASN B 578 17.43 -16.24 17.29
C ASN B 578 18.00 -14.85 17.09
N ILE B 579 19.30 -14.79 16.83
CA ILE B 579 19.98 -13.54 16.56
C ILE B 579 20.88 -13.71 15.35
N LEU B 580 21.14 -12.59 14.68
CA LEU B 580 22.17 -12.59 13.66
C LEU B 580 23.49 -13.03 14.27
N LEU B 581 24.24 -13.84 13.51
CA LEU B 581 25.56 -14.24 13.98
C LEU B 581 26.36 -13.00 14.32
N PRO B 582 26.68 -12.78 15.61
CA PRO B 582 27.36 -11.52 16.00
C PRO B 582 28.52 -11.16 15.10
N GLN B 583 29.51 -12.04 14.97
CA GLN B 583 30.57 -11.78 14.01
C GLN B 583 30.01 -11.92 12.59
N GLY B 584 30.55 -11.13 11.67
CA GLY B 584 29.97 -11.04 10.35
C GLY B 584 28.84 -10.05 10.21
N ARG B 585 28.40 -9.43 11.30
CA ARG B 585 27.53 -8.26 11.20
C ARG B 585 28.32 -7.11 10.59
N PRO B 586 27.63 -6.16 9.97
CA PRO B 586 28.32 -5.02 9.36
C PRO B 586 29.02 -4.17 10.41
N PRO B 587 30.01 -3.37 10.01
CA PRO B 587 30.79 -2.60 11.00
C PRO B 587 29.97 -1.59 11.77
N VAL B 588 28.75 -1.27 11.33
CA VAL B 588 27.93 -0.29 12.03
C VAL B 588 27.69 -0.69 13.48
N PHE B 589 27.78 -1.98 13.79
CA PHE B 589 27.49 -2.47 15.14
C PHE B 589 28.63 -2.27 16.12
N GLN B 590 29.76 -1.68 15.71
CA GLN B 590 30.86 -1.45 16.63
C GLN B 590 30.50 -0.44 17.72
N GLN B 591 29.62 0.50 17.40
CA GLN B 591 29.17 1.52 18.34
C GLN B 591 27.66 1.39 18.52
N PRO B 592 27.12 1.88 19.63
CA PRO B 592 25.67 1.82 19.83
C PRO B 592 24.90 2.42 18.66
N VAL B 593 23.99 1.64 18.10
CA VAL B 593 23.15 2.04 16.99
C VAL B 593 21.72 1.59 17.28
N ILE B 594 20.76 2.47 17.03
CA ILE B 594 19.35 2.14 17.13
C ILE B 594 18.76 2.09 15.73
N PHE B 595 17.92 1.09 15.48
CA PHE B 595 17.24 0.93 14.20
C PHE B 595 15.77 1.28 14.37
N LEU B 596 15.27 2.16 13.51
CA LEU B 596 13.89 2.61 13.59
C LEU B 596 13.14 2.20 12.32
N GLY B 597 11.84 1.97 12.48
CA GLY B 597 10.95 1.78 11.36
C GLY B 597 9.72 2.66 11.54
N ALA B 598 9.35 3.41 10.51
CA ALA B 598 8.22 4.32 10.57
C ALA B 598 7.20 3.95 9.50
N ASN B 599 5.93 4.11 9.85
CA ASN B 599 4.85 3.70 8.95
C ASN B 599 3.58 4.49 9.28
N VAL B 600 2.87 4.90 8.23
CA VAL B 600 1.57 5.54 8.36
C VAL B 600 0.58 4.75 7.51
N THR B 601 -0.40 4.13 8.16
CA THR B 601 -1.48 3.44 7.45
C THR B 601 -2.73 4.32 7.50
N HIS B 602 -3.43 4.38 6.37
CA HIS B 602 -4.58 5.25 6.21
C HIS B 602 -5.87 4.45 6.13
N PRO B 603 -7.00 5.07 6.47
CA PRO B 603 -8.30 4.42 6.26
C PRO B 603 -8.78 4.63 4.84
N PRO B 604 -9.75 3.84 4.38
CA PRO B 604 -10.34 4.01 3.04
C PRO B 604 -11.27 5.21 2.97
N LYS B 609 -14.62 11.25 8.25
CA LYS B 609 -13.26 10.83 7.93
C LYS B 609 -12.58 10.15 9.12
N LYS B 610 -12.11 8.93 8.90
CA LYS B 610 -11.41 8.19 9.94
C LYS B 610 -9.96 8.68 10.06
N PRO B 611 -9.36 8.55 11.24
CA PRO B 611 -8.01 9.08 11.44
C PRO B 611 -6.92 8.13 10.96
N SER B 612 -5.82 8.72 10.51
CA SER B 612 -4.64 7.97 10.13
C SER B 612 -3.82 7.60 11.36
N ILE B 613 -2.99 6.57 11.20
CA ILE B 613 -2.26 5.97 12.31
C ILE B 613 -0.78 6.01 11.98
N ALA B 614 0.01 6.61 12.87
CA ALA B 614 1.46 6.65 12.74
C ALA B 614 2.08 5.68 13.73
N ALA B 615 3.10 4.95 13.29
CA ALA B 615 3.77 3.97 14.13
C ALA B 615 5.28 4.04 13.91
N VAL B 616 6.04 4.05 15.00
CA VAL B 616 7.49 4.02 14.95
C VAL B 616 7.98 2.98 15.97
N VAL B 617 8.80 2.04 15.51
CA VAL B 617 9.38 1.01 16.36
C VAL B 617 10.87 1.26 16.46
N GLY B 618 11.47 0.75 17.54
CA GLY B 618 12.90 0.93 17.76
C GLY B 618 13.58 -0.26 18.41
N SER B 619 14.75 -0.62 17.88
CA SER B 619 15.51 -1.74 18.45
C SER B 619 16.00 -1.38 19.85
N MET B 620 16.01 -2.37 20.74
CA MET B 620 16.37 -2.15 22.14
C MET B 620 17.56 -2.99 22.59
N ASP B 621 18.34 -3.54 21.66
CA ASP B 621 19.52 -4.32 21.98
C ASP B 621 20.47 -4.25 20.80
N ALA B 622 21.60 -4.95 20.90
CA ALA B 622 22.62 -4.93 19.87
C ALA B 622 22.54 -6.12 18.93
N HIS B 623 21.51 -6.96 19.04
CA HIS B 623 21.48 -8.21 18.30
C HIS B 623 21.33 -8.00 16.78
N PRO B 624 20.31 -7.25 16.34
CA PRO B 624 19.20 -6.66 17.08
C PRO B 624 17.94 -7.51 16.95
N ASN B 625 17.18 -7.65 18.02
CA ASN B 625 16.02 -8.54 17.97
C ASN B 625 14.78 -7.99 18.65
N ARG B 626 14.91 -7.17 19.68
CA ARG B 626 13.78 -6.68 20.46
C ARG B 626 13.48 -5.23 20.06
N TYR B 627 12.19 -4.92 19.95
CA TYR B 627 11.74 -3.61 19.50
C TYR B 627 10.61 -3.11 20.39
N CYS B 628 10.65 -1.84 20.73
CA CYS B 628 9.56 -1.17 21.39
C CYS B 628 8.72 -0.41 20.36
N ALA B 629 7.44 -0.27 20.63
CA ALA B 629 6.51 0.38 19.73
C ALA B 629 6.01 1.69 20.29
N THR B 630 5.89 2.69 19.43
CA THR B 630 5.15 3.92 19.67
C THR B 630 4.11 4.08 18.57
N VAL B 631 2.96 4.62 18.91
CA VAL B 631 1.88 4.77 17.95
C VAL B 631 1.09 6.03 18.29
N ARG B 632 0.60 6.69 17.25
CA ARG B 632 -0.23 7.87 17.38
C ARG B 632 -1.32 7.85 16.32
N VAL B 633 -2.45 8.49 16.64
CA VAL B 633 -3.47 8.81 15.67
C VAL B 633 -3.24 10.25 15.21
N GLN B 634 -3.46 10.51 13.93
CA GLN B 634 -3.24 11.85 13.41
C GLN B 634 -4.28 12.13 12.33
N GLN B 635 -4.18 13.30 11.72
CA GLN B 635 -5.22 13.78 10.82
C GLN B 635 -5.45 12.78 9.68
N HIS B 636 -6.64 12.87 9.08
CA HIS B 636 -7.05 11.94 8.04
C HIS B 636 -6.17 12.08 6.80
N ARG B 637 -5.48 10.99 6.45
CA ARG B 637 -4.74 10.85 5.20
C ARG B 637 -3.47 11.69 5.16
N GLN B 638 -2.96 12.14 6.30
CA GLN B 638 -1.70 12.87 6.31
C GLN B 638 -0.54 11.90 6.35
N GLU B 639 0.39 12.05 5.40
CA GLU B 639 1.53 11.16 5.31
C GLU B 639 2.59 11.49 6.34
N ILE B 640 2.79 12.78 6.65
CA ILE B 640 3.82 13.17 7.59
C ILE B 640 3.43 12.74 8.99
N ILE B 641 4.39 12.21 9.73
CA ILE B 641 4.16 11.71 11.09
C ILE B 641 4.20 12.93 12.01
N GLN B 642 3.03 13.42 12.41
CA GLN B 642 2.94 14.69 13.10
C GLN B 642 3.75 14.69 14.39
N ASP B 643 3.64 13.63 15.18
CA ASP B 643 4.24 13.57 16.50
C ASP B 643 5.58 12.84 16.52
N LEU B 644 6.29 12.83 15.39
CA LEU B 644 7.48 12.00 15.26
C LEU B 644 8.52 12.34 16.32
N ALA B 645 8.74 13.63 16.59
CA ALA B 645 9.76 14.04 17.55
C ALA B 645 9.52 13.40 18.91
N ALA B 646 8.29 13.46 19.42
CA ALA B 646 7.99 12.86 20.72
C ALA B 646 8.12 11.34 20.66
N MET B 647 7.79 10.73 19.52
CA MET B 647 7.91 9.28 19.41
C MET B 647 9.37 8.84 19.41
N VAL B 648 10.22 9.53 18.65
CA VAL B 648 11.64 9.19 18.64
C VAL B 648 12.25 9.41 20.03
N ARG B 649 11.89 10.51 20.68
CA ARG B 649 12.38 10.75 22.03
C ARG B 649 12.05 9.59 22.95
N GLU B 650 10.79 9.15 22.94
CA GLU B 650 10.40 8.01 23.77
C GLU B 650 11.27 6.80 23.49
N LEU B 651 11.52 6.51 22.21
CA LEU B 651 12.26 5.31 21.86
C LEU B 651 13.72 5.42 22.28
N LEU B 652 14.31 6.61 22.14
CA LEU B 652 15.70 6.80 22.57
C LEU B 652 15.84 6.58 24.06
N ILE B 653 14.88 7.06 24.84
CA ILE B 653 14.91 6.86 26.29
C ILE B 653 14.81 5.38 26.62
N GLN B 654 13.91 4.66 25.96
CA GLN B 654 13.80 3.22 26.18
C GLN B 654 15.09 2.51 25.79
N PHE B 655 15.70 2.90 24.66
CA PHE B 655 16.99 2.34 24.28
C PHE B 655 18.01 2.56 25.37
N TYR B 656 18.06 3.77 25.92
CA TYR B 656 19.08 4.07 26.92
C TYR B 656 18.83 3.30 28.21
N LYS B 657 17.56 3.09 28.57
CA LYS B 657 17.25 2.29 29.75
C LYS B 657 17.60 0.83 29.53
N SER B 658 17.35 0.31 28.33
CA SER B 658 17.56 -1.11 28.07
C SER B 658 19.03 -1.46 27.92
N THR B 659 19.85 -0.52 27.45
CA THR B 659 21.24 -0.80 27.11
C THR B 659 22.27 -0.01 27.89
N ARG B 660 21.90 1.13 28.46
CA ARG B 660 22.83 2.02 29.16
C ARG B 660 23.68 2.83 28.19
N PHE B 661 23.41 2.73 26.90
CA PHE B 661 24.15 3.44 25.87
C PHE B 661 23.26 4.46 25.19
N LYS B 662 23.88 5.56 24.76
CA LYS B 662 23.21 6.51 23.88
C LYS B 662 23.60 6.21 22.43
N PRO B 663 22.65 5.97 21.54
CA PRO B 663 23.01 5.58 20.16
C PRO B 663 23.85 6.66 19.51
N THR B 664 24.98 6.25 18.93
CA THR B 664 25.78 7.18 18.15
C THR B 664 25.25 7.35 16.74
N ARG B 665 24.41 6.42 16.28
CA ARG B 665 23.84 6.46 14.93
C ARG B 665 22.38 6.06 14.98
N ILE B 666 21.55 6.77 14.22
CA ILE B 666 20.13 6.47 14.08
C ILE B 666 19.89 6.06 12.63
N ILE B 667 19.47 4.81 12.44
CA ILE B 667 19.15 4.28 11.12
C ILE B 667 17.62 4.22 11.02
N PHE B 668 17.05 5.09 10.18
CA PHE B 668 15.62 5.34 10.12
C PHE B 668 15.07 4.77 8.81
N TYR B 669 14.30 3.69 8.91
CA TYR B 669 13.65 3.08 7.74
C TYR B 669 12.21 3.59 7.63
N ARG B 670 11.94 4.36 6.59
CA ARG B 670 10.64 5.00 6.36
C ARG B 670 9.90 4.29 5.24
N ASN B 671 8.69 3.80 5.53
CA ASN B 671 7.89 3.08 4.56
C ASN B 671 7.11 4.02 3.64
N GLY B 672 7.03 3.62 2.38
CA GLY B 672 6.07 4.14 1.41
C GLY B 672 5.71 5.61 1.41
N VAL B 673 6.67 6.46 1.09
CA VAL B 673 6.39 7.85 0.75
C VAL B 673 6.82 8.06 -0.69
N SER B 674 5.89 8.49 -1.54
CA SER B 674 6.18 8.64 -2.96
C SER B 674 7.22 9.75 -3.17
N GLU B 675 7.87 9.69 -4.34
CA GLU B 675 8.86 10.71 -4.68
C GLU B 675 8.28 12.11 -4.61
N GLY B 676 6.98 12.25 -4.91
CA GLY B 676 6.35 13.56 -4.83
C GLY B 676 6.53 14.22 -3.47
N GLN B 677 6.59 13.42 -2.41
CA GLN B 677 6.64 13.96 -1.05
C GLN B 677 7.99 13.77 -0.39
N PHE B 678 9.01 13.34 -1.13
CA PHE B 678 10.35 13.21 -0.54
C PHE B 678 10.77 14.49 0.16
N GLN B 679 10.62 15.62 -0.52
CA GLN B 679 11.10 16.88 0.04
C GLN B 679 10.32 17.27 1.29
N GLN B 680 8.99 17.16 1.25
CA GLN B 680 8.18 17.51 2.42
C GLN B 680 8.42 16.53 3.56
N VAL B 681 8.31 15.24 3.27
CA VAL B 681 8.48 14.23 4.32
C VAL B 681 9.87 14.32 4.93
N LEU B 682 10.90 14.40 4.09
CA LEU B 682 12.26 14.49 4.60
C LEU B 682 12.45 15.75 5.43
N HIS B 683 11.97 16.88 4.94
CA HIS B 683 12.16 18.14 5.64
C HIS B 683 11.57 18.07 7.06
N HIS B 684 10.32 17.66 7.18
CA HIS B 684 9.66 17.71 8.49
C HIS B 684 10.11 16.56 9.41
N GLU B 685 10.38 15.39 8.84
CA GLU B 685 10.70 14.24 9.68
C GLU B 685 12.18 14.12 10.00
N LEU B 686 13.07 14.57 9.11
CA LEU B 686 14.49 14.62 9.46
C LEU B 686 14.74 15.65 10.56
N LEU B 687 14.05 16.79 10.51
CA LEU B 687 14.20 17.78 11.58
C LEU B 687 13.59 17.31 12.88
N ALA B 688 12.46 16.58 12.80
CA ALA B 688 11.86 16.05 14.02
C ALA B 688 12.79 15.07 14.72
N ILE B 689 13.53 14.28 13.95
CA ILE B 689 14.49 13.35 14.54
C ILE B 689 15.59 14.11 15.26
N ARG B 690 16.16 15.13 14.61
CA ARG B 690 17.16 15.97 15.27
C ARG B 690 16.59 16.66 16.49
N GLU B 691 15.36 17.16 16.39
CA GLU B 691 14.70 17.79 17.52
C GLU B 691 14.66 16.87 18.74
N ALA B 692 14.44 15.57 18.50
CA ALA B 692 14.35 14.63 19.62
C ALA B 692 15.70 14.47 20.33
N CYS B 693 16.80 14.43 19.57
CA CYS B 693 18.11 14.30 20.19
C CYS B 693 18.50 15.55 20.95
N ILE B 694 18.24 16.73 20.37
CA ILE B 694 18.60 17.98 21.03
C ILE B 694 17.72 18.21 22.25
N LYS B 695 16.47 17.74 22.21
CA LYS B 695 15.58 17.89 23.35
C LYS B 695 15.98 16.99 24.51
N LEU B 696 16.71 15.92 24.22
CA LEU B 696 17.21 15.06 25.30
C LEU B 696 18.43 15.68 25.97
N GLU B 697 19.32 16.28 25.17
CA GLU B 697 20.64 16.66 25.64
C GLU B 697 21.28 17.61 24.65
N LYS B 698 21.68 18.79 25.11
CA LYS B 698 22.02 19.89 24.19
C LYS B 698 22.99 19.45 23.10
N ASP B 699 23.98 18.63 23.46
CA ASP B 699 25.05 18.27 22.52
C ASP B 699 25.03 16.79 22.14
N TYR B 700 23.84 16.19 22.09
CA TYR B 700 23.68 14.82 21.61
C TYR B 700 23.29 14.88 20.13
N GLN B 701 24.22 14.51 19.26
CA GLN B 701 24.02 14.59 17.80
C GLN B 701 24.52 13.31 17.14
N PRO B 702 23.74 12.25 17.25
CA PRO B 702 24.10 11.01 16.54
C PRO B 702 23.89 11.16 15.04
N GLY B 703 24.67 10.39 14.28
CA GLY B 703 24.51 10.38 12.83
C GLY B 703 23.17 9.78 12.44
N ILE B 704 22.48 10.43 11.51
CA ILE B 704 21.16 10.00 11.04
C ILE B 704 21.29 9.51 9.61
N THR B 705 20.84 8.28 9.36
CA THR B 705 20.67 7.77 8.01
C THR B 705 19.18 7.60 7.77
N PHE B 706 18.66 8.34 6.79
CA PHE B 706 17.24 8.34 6.46
C PHE B 706 17.05 7.56 5.16
N ILE B 707 16.31 6.45 5.23
CA ILE B 707 16.12 5.55 4.10
C ILE B 707 14.62 5.35 3.88
N VAL B 708 14.15 5.66 2.68
CA VAL B 708 12.76 5.39 2.30
C VAL B 708 12.67 3.99 1.70
N VAL B 709 11.66 3.24 2.11
CA VAL B 709 11.46 1.84 1.70
C VAL B 709 10.17 1.76 0.90
N GLN B 710 10.24 1.21 -0.31
CA GLN B 710 9.14 1.27 -1.26
C GLN B 710 8.92 -0.08 -1.93
N LYS B 711 7.75 -0.69 -1.66
CA LYS B 711 7.28 -1.86 -2.39
C LYS B 711 6.32 -1.50 -3.51
N ARG B 712 5.68 -0.34 -3.44
CA ARG B 712 4.64 0.03 -4.38
C ARG B 712 5.27 0.81 -5.54
N HIS B 713 5.84 0.05 -6.47
CA HIS B 713 6.41 0.58 -7.69
C HIS B 713 6.22 -0.48 -8.77
N HIS B 714 6.75 -0.21 -9.96
CA HIS B 714 6.50 -1.10 -11.09
C HIS B 714 7.81 -1.59 -11.70
N THR B 715 8.86 -1.68 -10.90
CA THR B 715 10.12 -2.27 -11.36
C THR B 715 10.07 -3.78 -11.21
N ARG B 716 10.32 -4.49 -12.31
CA ARG B 716 10.32 -5.95 -12.33
C ARG B 716 11.65 -6.45 -12.88
N LEU B 717 12.25 -7.40 -12.18
CA LEU B 717 13.54 -7.97 -12.56
C LEU B 717 13.37 -9.45 -12.88
N PHE B 718 13.97 -9.89 -13.98
CA PHE B 718 13.84 -11.27 -14.44
C PHE B 718 15.22 -11.86 -14.70
N CYS B 719 15.39 -13.14 -14.34
CA CYS B 719 16.62 -13.85 -14.66
C CYS B 719 16.79 -13.96 -16.17
N THR B 720 17.99 -13.64 -16.65
CA THR B 720 18.31 -13.85 -18.06
C THR B 720 18.53 -15.33 -18.35
N ASP B 721 19.32 -16.00 -17.51
CA ASP B 721 19.56 -17.43 -17.62
C ASP B 721 18.50 -18.19 -16.85
N LYS B 722 17.96 -19.24 -17.48
CA LYS B 722 16.90 -20.02 -16.85
C LYS B 722 17.38 -20.80 -15.63
N ASN B 723 18.69 -21.08 -15.54
CA ASN B 723 19.21 -21.85 -14.41
C ASN B 723 19.11 -21.08 -13.10
N GLU B 724 18.90 -19.77 -13.14
CA GLU B 724 18.86 -18.95 -11.94
C GLU B 724 17.45 -18.76 -11.40
N ARG B 725 16.43 -19.26 -12.09
CA ARG B 725 15.06 -19.16 -11.60
C ARG B 725 14.85 -19.99 -10.35
N VAL B 726 14.13 -19.43 -9.37
CA VAL B 726 13.86 -20.09 -8.10
C VAL B 726 12.37 -20.37 -8.00
N GLY B 727 12.01 -21.66 -7.86
CA GLY B 727 10.66 -22.05 -7.56
C GLY B 727 9.74 -22.16 -8.78
N LYS B 728 8.49 -22.54 -8.48
CA LYS B 728 7.47 -22.61 -9.51
C LYS B 728 7.21 -21.25 -10.13
N SER B 729 7.25 -20.18 -9.32
CA SER B 729 7.04 -18.83 -9.80
C SER B 729 8.22 -18.30 -10.61
N GLY B 730 9.38 -18.96 -10.56
CA GLY B 730 10.52 -18.61 -11.40
C GLY B 730 11.15 -17.26 -11.13
N ASN B 731 11.10 -16.79 -9.88
CA ASN B 731 11.60 -15.46 -9.58
C ASN B 731 13.12 -15.48 -9.36
N ILE B 732 13.67 -14.29 -9.16
CA ILE B 732 15.08 -14.08 -8.88
C ILE B 732 15.39 -14.59 -7.48
N PRO B 733 16.63 -14.95 -7.18
CA PRO B 733 16.96 -15.45 -5.85
C PRO B 733 16.91 -14.34 -4.81
N ALA B 734 16.54 -14.74 -3.58
CA ALA B 734 16.65 -13.84 -2.45
C ALA B 734 18.08 -13.32 -2.33
N GLY B 735 18.21 -12.04 -2.03
CA GLY B 735 19.52 -11.40 -1.95
C GLY B 735 19.95 -10.68 -3.20
N THR B 736 19.13 -10.65 -4.24
CA THR B 736 19.47 -10.02 -5.51
C THR B 736 19.44 -8.49 -5.35
N THR B 737 20.54 -7.84 -5.68
CA THR B 737 20.71 -6.40 -5.48
C THR B 737 21.07 -5.74 -6.81
N VAL B 738 20.43 -4.61 -7.10
CA VAL B 738 20.72 -3.82 -8.28
C VAL B 738 20.89 -2.37 -7.85
N ASP B 739 22.07 -1.79 -8.12
CA ASP B 739 22.28 -0.36 -7.88
C ASP B 739 22.88 0.32 -9.11
N THR B 740 22.69 -0.26 -10.29
CA THR B 740 23.23 0.30 -11.52
C THR B 740 22.19 0.18 -12.63
N LYS B 741 22.30 1.09 -13.61
CA LYS B 741 21.64 0.96 -14.89
C LYS B 741 20.19 1.47 -14.86
N ILE B 742 19.44 1.16 -13.82
CA ILE B 742 18.03 1.56 -13.74
C ILE B 742 17.79 2.39 -12.50
N THR B 743 18.87 2.73 -11.79
CA THR B 743 18.79 3.50 -10.56
C THR B 743 18.99 4.99 -10.85
N HIS B 744 19.00 5.78 -9.78
CA HIS B 744 19.05 7.23 -9.92
C HIS B 744 20.37 7.67 -10.55
N PRO B 745 20.36 8.71 -11.39
CA PRO B 745 21.60 9.11 -12.04
C PRO B 745 22.65 9.64 -11.08
N THR B 746 22.24 10.20 -9.94
CA THR B 746 23.18 10.80 -9.01
C THR B 746 22.96 10.42 -7.55
N GLU B 747 21.76 10.01 -7.15
CA GLU B 747 21.44 9.82 -5.75
C GLU B 747 21.73 8.38 -5.30
N PHE B 748 21.58 8.17 -3.99
CA PHE B 748 21.91 6.91 -3.35
C PHE B 748 20.65 6.06 -3.27
N ASP B 749 20.46 5.19 -4.25
CA ASP B 749 19.29 4.32 -4.27
C ASP B 749 19.68 2.95 -4.82
N PHE B 750 18.97 1.92 -4.36
CA PHE B 750 19.23 0.56 -4.83
C PHE B 750 17.98 -0.29 -4.64
N TYR B 751 17.88 -1.33 -5.48
CA TYR B 751 16.84 -2.35 -5.35
C TYR B 751 17.45 -3.55 -4.64
N LEU B 752 16.69 -4.13 -3.71
CA LEU B 752 17.12 -5.34 -3.01
C LEU B 752 15.92 -6.26 -2.88
N CYS B 753 15.96 -7.40 -3.57
CA CYS B 753 14.92 -8.41 -3.43
C CYS B 753 15.38 -9.37 -2.35
N SER B 754 15.02 -9.05 -1.10
CA SER B 754 15.52 -9.80 0.04
C SER B 754 14.81 -11.13 0.25
N HIS B 755 13.67 -11.35 -0.39
CA HIS B 755 12.81 -12.49 -0.12
C HIS B 755 12.74 -13.44 -1.30
N ALA B 756 12.31 -14.67 -1.00
CA ALA B 756 12.05 -15.65 -2.04
C ALA B 756 10.64 -15.49 -2.58
N GLY B 757 10.52 -15.38 -3.91
CA GLY B 757 9.22 -15.24 -4.53
C GLY B 757 8.43 -16.53 -4.54
N ILE B 758 7.28 -16.54 -3.86
CA ILE B 758 6.51 -17.76 -3.69
C ILE B 758 5.36 -17.83 -4.71
N GLN B 759 4.50 -16.81 -4.71
CA GLN B 759 3.41 -16.69 -5.66
C GLN B 759 3.67 -15.48 -6.56
N GLY B 760 3.25 -15.60 -7.82
CA GLY B 760 3.38 -14.50 -8.76
C GLY B 760 4.79 -13.99 -8.93
N THR B 761 4.93 -12.74 -9.37
CA THR B 761 6.23 -12.14 -9.64
C THR B 761 6.67 -11.30 -8.44
N SER B 762 7.92 -11.47 -8.04
CA SER B 762 8.43 -10.76 -6.87
C SER B 762 8.41 -9.26 -7.10
N ARG B 763 8.25 -8.51 -6.00
CA ARG B 763 8.43 -7.07 -6.00
C ARG B 763 9.78 -6.77 -5.34
N PRO B 764 10.79 -6.34 -6.09
CA PRO B 764 12.04 -5.93 -5.44
C PRO B 764 11.81 -4.66 -4.63
N SER B 765 12.25 -4.69 -3.37
CA SER B 765 12.14 -3.50 -2.55
C SER B 765 13.14 -2.45 -2.99
N HIS B 766 12.69 -1.20 -3.05
CA HIS B 766 13.52 -0.07 -3.42
C HIS B 766 13.87 0.73 -2.18
N TYR B 767 15.14 1.10 -2.07
CA TYR B 767 15.65 1.84 -0.93
C TYR B 767 16.31 3.11 -1.44
N HIS B 768 15.90 4.25 -0.91
CA HIS B 768 16.42 5.55 -1.33
C HIS B 768 16.93 6.29 -0.11
N VAL B 769 18.24 6.52 -0.05
CA VAL B 769 18.86 7.22 1.07
C VAL B 769 18.64 8.72 0.85
N LEU B 770 17.74 9.31 1.64
CA LEU B 770 17.52 10.75 1.59
C LEU B 770 18.46 11.54 2.50
N TRP B 771 19.22 10.85 3.35
CA TRP B 771 20.15 11.52 4.26
C TRP B 771 21.05 10.50 4.97
N ASP B 772 22.35 10.79 5.05
CA ASP B 772 23.29 9.81 5.62
C ASP B 772 24.48 10.58 6.23
N ASP B 773 24.33 10.98 7.49
CA ASP B 773 25.45 11.54 8.23
C ASP B 773 26.60 10.56 8.39
N ASN B 774 26.32 9.25 8.29
CA ASN B 774 27.28 8.22 8.64
C ASN B 774 28.10 7.72 7.46
N ARG B 775 27.91 8.28 6.27
CA ARG B 775 28.73 7.99 5.10
C ARG B 775 28.90 6.48 4.90
N PHE B 776 27.76 5.80 4.78
CA PHE B 776 27.77 4.38 4.48
C PHE B 776 28.33 4.15 3.07
N SER B 777 29.08 3.07 2.92
CA SER B 777 29.37 2.57 1.59
C SER B 777 28.14 1.86 1.04
N SER B 778 28.06 1.76 -0.28
CA SER B 778 26.95 1.06 -0.91
C SER B 778 26.86 -0.38 -0.41
N ASP B 779 28.00 -1.06 -0.28
CA ASP B 779 28.00 -2.46 0.16
C ASP B 779 27.48 -2.59 1.58
N GLU B 780 28.00 -1.77 2.50
CA GLU B 780 27.64 -1.95 3.91
C GLU B 780 26.16 -1.67 4.15
N LEU B 781 25.57 -0.75 3.39
CA LEU B 781 24.17 -0.43 3.61
C LEU B 781 23.27 -1.48 2.99
N GLN B 782 23.66 -2.02 1.84
CA GLN B 782 22.86 -3.07 1.23
C GLN B 782 22.92 -4.35 2.06
N ILE B 783 24.12 -4.74 2.47
CA ILE B 783 24.25 -5.94 3.32
C ILE B 783 23.50 -5.73 4.62
N LEU B 784 23.70 -4.59 5.27
CA LEU B 784 22.98 -4.26 6.49
C LEU B 784 21.48 -4.39 6.31
N THR B 785 20.94 -3.77 5.26
CA THR B 785 19.52 -3.86 4.98
C THR B 785 19.09 -5.31 4.75
N TYR B 786 19.94 -6.09 4.10
CA TYR B 786 19.61 -7.49 3.85
C TYR B 786 19.59 -8.29 5.15
N GLN B 787 20.60 -8.10 6.00
CA GLN B 787 20.63 -8.84 7.26
C GLN B 787 19.43 -8.51 8.13
N LEU B 788 18.99 -7.24 8.12
CA LEU B 788 17.83 -6.87 8.91
C LEU B 788 16.58 -7.60 8.46
N CYS B 789 16.51 -7.99 7.18
CA CYS B 789 15.39 -8.79 6.69
C CYS B 789 15.42 -10.22 7.21
N HIS B 790 16.46 -10.61 7.95
CA HIS B 790 16.55 -11.94 8.56
C HIS B 790 16.27 -11.93 10.06
N THR B 791 15.89 -10.78 10.63
CA THR B 791 15.64 -10.67 12.06
C THR B 791 14.15 -10.59 12.39
N TYR B 792 13.29 -10.90 11.44
CA TYR B 792 11.85 -10.84 11.61
C TYR B 792 11.40 -12.13 12.31
N VAL B 793 10.73 -11.97 13.45
CA VAL B 793 10.54 -13.08 14.39
C VAL B 793 9.37 -13.98 14.06
N ARG B 794 8.46 -13.56 13.18
CA ARG B 794 7.27 -14.35 12.87
C ARG B 794 7.54 -15.55 11.98
N CYS B 795 8.70 -15.61 11.33
CA CYS B 795 8.95 -16.72 10.41
C CYS B 795 10.45 -16.89 10.18
N THR B 796 10.84 -18.13 9.90
CA THR B 796 12.23 -18.44 9.59
C THR B 796 12.51 -18.24 8.10
N ARG B 797 12.18 -17.05 7.61
CA ARG B 797 12.40 -16.68 6.23
C ARG B 797 12.84 -15.22 6.18
N SER B 798 13.66 -14.89 5.17
CA SER B 798 14.03 -13.50 4.90
C SER B 798 12.82 -12.77 4.34
N VAL B 799 12.35 -11.73 5.01
CA VAL B 799 11.13 -11.05 4.57
C VAL B 799 11.47 -9.91 3.62
N SER B 800 10.44 -9.37 2.96
CA SER B 800 10.66 -8.48 1.82
C SER B 800 11.14 -7.09 2.24
N ILE B 801 11.00 -6.73 3.51
CA ILE B 801 11.52 -5.47 4.03
C ILE B 801 12.16 -5.73 5.40
N PRO B 802 13.01 -4.80 5.84
CA PRO B 802 13.69 -5.01 7.12
C PRO B 802 12.68 -5.08 8.27
N ALA B 803 13.02 -5.89 9.28
CA ALA B 803 12.13 -6.09 10.43
C ALA B 803 11.57 -4.80 11.00
N PRO B 804 12.35 -3.75 11.25
CA PRO B 804 11.77 -2.54 11.84
C PRO B 804 10.68 -1.91 10.98
N ALA B 805 10.88 -1.84 9.67
CA ALA B 805 9.82 -1.34 8.80
C ALA B 805 8.61 -2.27 8.79
N TYR B 806 8.84 -3.59 8.89
CA TYR B 806 7.73 -4.53 8.96
C TYR B 806 7.00 -4.41 10.29
N TYR B 807 7.75 -4.32 11.40
CA TYR B 807 7.11 -4.15 12.70
C TYR B 807 6.26 -2.89 12.74
N ALA B 808 6.79 -1.77 12.22
CA ALA B 808 6.00 -0.53 12.16
C ALA B 808 4.65 -0.75 11.49
N HIS B 809 4.63 -1.54 10.41
CA HIS B 809 3.36 -1.85 9.75
C HIS B 809 2.45 -2.65 10.67
N LEU B 810 2.98 -3.66 11.36
CA LEU B 810 2.17 -4.44 12.28
C LEU B 810 1.64 -3.59 13.43
N VAL B 811 2.48 -2.70 13.97
CA VAL B 811 2.06 -1.90 15.12
C VAL B 811 0.92 -0.96 14.73
N ALA B 812 0.99 -0.37 13.54
CA ALA B 812 -0.14 0.42 13.05
C ALA B 812 -1.33 -0.47 12.77
N PHE B 813 -1.09 -1.65 12.17
CA PHE B 813 -2.18 -2.56 11.85
C PHE B 813 -2.92 -3.00 13.11
N ARG B 814 -2.19 -3.27 14.18
CA ARG B 814 -2.83 -3.68 15.43
C ARG B 814 -3.61 -2.54 16.06
N ALA B 815 -3.16 -1.30 15.87
CA ALA B 815 -3.88 -0.16 16.44
C ALA B 815 -5.26 0.00 15.81
N ARG B 816 -5.43 -0.44 14.56
CA ARG B 816 -6.76 -0.41 13.95
C ARG B 816 -7.76 -1.21 14.77
N TYR B 817 -7.39 -2.43 15.16
CA TYR B 817 -8.27 -3.24 15.99
C TYR B 817 -8.47 -2.63 17.38
N HIS B 818 -7.47 -1.89 17.87
CA HIS B 818 -7.63 -1.21 19.15
C HIS B 818 -8.72 -0.15 19.08
N LEU B 819 -8.94 0.44 17.91
CA LEU B 819 -9.89 1.54 17.74
C LEU B 819 -11.33 1.07 17.58
N VAL B 820 -11.60 -0.24 17.63
CA VAL B 820 -12.94 -0.75 17.45
C VAL B 820 -13.90 -0.04 18.41
N ASP B 821 -15.17 0.06 18.02
CA ASP B 821 -16.17 0.82 18.76
C ASP B 821 -17.43 -0.01 18.89
N LYS B 822 -17.94 -0.12 20.12
CA LYS B 822 -19.17 -0.85 20.39
C LYS B 822 -19.08 -2.31 19.95
N ARG B 839 -16.01 10.06 18.83
CA ARG B 839 -14.78 10.37 18.10
C ARG B 839 -14.06 11.55 18.74
N ASP B 840 -13.99 11.54 20.07
CA ASP B 840 -13.19 12.53 20.79
C ASP B 840 -11.72 12.26 20.54
N HIS B 841 -11.03 13.21 19.92
CA HIS B 841 -9.65 12.98 19.51
C HIS B 841 -8.74 12.70 20.70
N GLN B 842 -9.03 13.31 21.86
CA GLN B 842 -8.31 12.94 23.07
C GLN B 842 -8.63 11.52 23.49
N ALA B 843 -9.86 11.06 23.22
CA ALA B 843 -10.25 9.70 23.57
C ALA B 843 -9.73 8.69 22.55
N LEU B 844 -9.56 9.09 21.30
CA LEU B 844 -8.97 8.20 20.31
C LEU B 844 -7.49 7.95 20.62
N ALA B 845 -6.78 8.98 21.06
CA ALA B 845 -5.41 8.78 21.52
C ALA B 845 -5.38 7.86 22.74
N LYS B 846 -6.48 7.81 23.49
CA LYS B 846 -6.54 6.95 24.67
C LYS B 846 -6.75 5.49 24.28
N ALA B 847 -7.58 5.23 23.26
CA ALA B 847 -7.85 3.86 22.85
C ALA B 847 -6.65 3.19 22.19
N VAL B 848 -5.61 3.96 21.85
CA VAL B 848 -4.45 3.44 21.13
C VAL B 848 -3.28 3.22 22.08
N GLN B 849 -3.24 3.99 23.17
CA GLN B 849 -2.15 3.86 24.13
C GLN B 849 -2.20 2.50 24.80
N VAL B 850 -1.05 1.84 24.90
CA VAL B 850 -0.99 0.46 25.32
C VAL B 850 -0.67 0.39 26.81
N HIS B 851 -0.98 -0.75 27.42
CA HIS B 851 -0.69 -0.98 28.83
C HIS B 851 0.82 -0.95 29.07
N GLN B 852 1.20 -0.54 30.29
CA GLN B 852 2.61 -0.45 30.64
C GLN B 852 3.28 -1.82 30.62
N ASP B 853 2.56 -2.87 31.03
CA ASP B 853 3.14 -4.21 31.02
C ASP B 853 3.52 -4.64 29.61
N THR B 854 2.62 -4.40 28.65
CA THR B 854 2.81 -4.95 27.31
C THR B 854 3.78 -4.11 26.47
N LEU B 855 3.73 -2.78 26.61
CA LEU B 855 4.46 -1.91 25.70
C LEU B 855 5.94 -2.30 25.61
N ARG B 856 6.54 -2.71 26.73
CA ARG B 856 7.94 -3.10 26.70
C ARG B 856 8.16 -4.30 25.80
N THR B 857 7.19 -5.22 25.75
CA THR B 857 7.30 -6.43 24.96
C THR B 857 6.69 -6.23 23.57
N MET B 858 7.08 -7.10 22.65
CA MET B 858 6.63 -7.03 21.26
C MET B 858 5.25 -7.70 21.11
N TYR B 859 4.26 -7.05 21.73
CA TYR B 859 2.88 -7.52 21.68
C TYR B 859 2.35 -7.62 20.26
N PHE B 860 2.94 -6.88 19.32
CA PHE B 860 2.44 -6.79 17.96
C PHE B 860 2.83 -7.98 17.10
N ALA B 861 3.70 -8.86 17.57
CA ALA B 861 4.07 -10.06 16.83
C ALA B 861 2.86 -10.96 16.67
#